data_2M6H
# 
_entry.id   2M6H 
# 
_audit_conform.dict_name       mmcif_pdbx.dic 
_audit_conform.dict_version    5.398 
_audit_conform.dict_location   http://mmcif.pdb.org/dictionaries/ascii/mmcif_pdbx.dic 
# 
loop_
_database_2.database_id 
_database_2.database_code 
_database_2.pdbx_database_accession 
_database_2.pdbx_DOI 
PDB   2M6H         pdb_00002m6h 10.2210/pdb2m6h/pdb 
RCSB  RCSB103269   ?            ?                   
BMRB  19133        ?            10.13018/BMR19133   
WWPDB D_1000103269 ?            ?                   
# 
loop_
_pdbx_audit_revision_history.ordinal 
_pdbx_audit_revision_history.data_content_type 
_pdbx_audit_revision_history.major_revision 
_pdbx_audit_revision_history.minor_revision 
_pdbx_audit_revision_history.revision_date 
1 'Structure model' 1 0 2013-10-30 
2 'Structure model' 1 1 2022-08-24 
3 'Structure model' 1 2 2023-06-14 
4 'Structure model' 1 3 2023-11-15 
5 'Structure model' 1 4 2024-10-30 
# 
_pdbx_audit_revision_details.ordinal             1 
_pdbx_audit_revision_details.revision_ordinal    1 
_pdbx_audit_revision_details.data_content_type   'Structure model' 
_pdbx_audit_revision_details.provider            repository 
_pdbx_audit_revision_details.type                'Initial release' 
_pdbx_audit_revision_details.description         ? 
_pdbx_audit_revision_details.details             ? 
# 
loop_
_pdbx_audit_revision_group.ordinal 
_pdbx_audit_revision_group.revision_ordinal 
_pdbx_audit_revision_group.data_content_type 
_pdbx_audit_revision_group.group 
1 2 'Structure model' 'Data collection'      
2 2 'Structure model' 'Database references'  
3 2 'Structure model' 'Derived calculations' 
4 3 'Structure model' Other                  
5 4 'Structure model' 'Data collection'      
6 5 'Structure model' 'Database references'  
7 5 'Structure model' 'Structure summary'    
# 
loop_
_pdbx_audit_revision_category.ordinal 
_pdbx_audit_revision_category.revision_ordinal 
_pdbx_audit_revision_category.data_content_type 
_pdbx_audit_revision_category.category 
1  2 'Structure model' citation                  
2  2 'Structure model' database_2                
3  2 'Structure model' pdbx_nmr_spectrometer     
4  2 'Structure model' struct_conn               
5  2 'Structure model' struct_site               
6  3 'Structure model' pdbx_database_status      
7  4 'Structure model' chem_comp_atom            
8  4 'Structure model' chem_comp_bond            
9  5 'Structure model' database_2                
10 5 'Structure model' pdbx_entry_details        
11 5 'Structure model' pdbx_modification_feature 
# 
loop_
_pdbx_audit_revision_item.ordinal 
_pdbx_audit_revision_item.revision_ordinal 
_pdbx_audit_revision_item.data_content_type 
_pdbx_audit_revision_item.item 
1  2 'Structure model' '_citation.journal_volume'                   
2  2 'Structure model' '_citation.page_first'                       
3  2 'Structure model' '_citation.page_last'                        
4  2 'Structure model' '_citation.title'                            
5  2 'Structure model' '_database_2.pdbx_DOI'                       
6  2 'Structure model' '_database_2.pdbx_database_accession'        
7  2 'Structure model' '_pdbx_nmr_spectrometer.model'               
8  2 'Structure model' '_struct_conn.pdbx_leaving_atom_flag'        
9  2 'Structure model' '_struct_site.pdbx_auth_asym_id'             
10 2 'Structure model' '_struct_site.pdbx_auth_comp_id'             
11 2 'Structure model' '_struct_site.pdbx_auth_seq_id'              
12 3 'Structure model' '_pdbx_database_status.status_code_nmr_data' 
13 5 'Structure model' '_database_2.pdbx_DOI'                       
# 
_pdbx_database_status.deposit_site                    BMRB 
_pdbx_database_status.entry_id                        2M6H 
_pdbx_database_status.methods_development_category    ? 
_pdbx_database_status.process_site                    PDBJ 
_pdbx_database_status.recvd_initial_deposition_date   2013-03-29 
_pdbx_database_status.SG_entry                        ? 
_pdbx_database_status.status_code                     REL 
_pdbx_database_status.status_code_mr                  REL 
_pdbx_database_status.status_code_sf                  ? 
_pdbx_database_status.status_code_cs                  REL 
_pdbx_database_status.pdb_format_compatible           Y 
_pdbx_database_status.status_code_nmr_data            REL 
# 
loop_
_pdbx_database_related.db_id 
_pdbx_database_related.db_name 
_pdbx_database_related.content_type 
_pdbx_database_related.details 
19133 BMRB unspecified . 
2M6C  PDB  unspecified . 
2M6D  PDB  unspecified . 
2M6E  PDB  unspecified . 
2M6F  PDB  unspecified . 
2M6G  PDB  unspecified . 
# 
_audit_author.name           'Sonti, R.' 
_audit_author.pdbx_ordinal   1 
# 
_citation.id                        primary 
_citation.title                     
;Conformational diversity in contryphans from Conus venom: cis-trans isomerisation and aromatic/proline interactions in the 23-membered ring of a 7-residue peptide disulfide loop.
;
_citation.journal_abbrev            Chemistry 
_citation.journal_volume            19 
_citation.page_first                15175 
_citation.page_last                 15189 
_citation.year                      2013 
_citation.journal_id_ASTM           ? 
_citation.country                   GE 
_citation.journal_id_ISSN           0947-6539 
_citation.journal_id_CSD            ? 
_citation.book_publisher            ? 
_citation.pdbx_database_id_PubMed   24115170 
_citation.pdbx_database_id_DOI      10.1002/chem.201301722 
# 
loop_
_citation_author.citation_id 
_citation_author.name 
_citation_author.ordinal 
_citation_author.identifier_ORCID 
primary 'Sonti, R.'     1 ? 
primary 'Gowd, K.H.'    2 ? 
primary 'Rao, K.N.'     3 ? 
primary 'Ragothama, S.' 4 ? 
primary 'Rodriguez, A.' 5 ? 
primary 'Perez, J.J.'   6 ? 
primary 'Balaram, P.'   7 ? 
# 
_entity.id                         1 
_entity.type                       polymer 
_entity.src_method                 syn 
_entity.pdbx_description           Contryphan-Lo 
_entity.formula_weight             963.090 
_entity.pdbx_number_of_molecules   1 
_entity.pdbx_ec                    ? 
_entity.pdbx_mutation              ? 
_entity.pdbx_fragment              ? 
_entity.details                    ? 
# 
_entity_name_com.entity_id   1 
_entity_name_com.name        Lo959 
# 
_entity_poly.entity_id                      1 
_entity_poly.type                           'polypeptide(L)' 
_entity_poly.nstd_linkage                   no 
_entity_poly.nstd_monomer                   yes 
_entity_poly.pdbx_seq_one_letter_code       'GCP(DTR)DPWC' 
_entity_poly.pdbx_seq_one_letter_code_can   GCPWDPWC 
_entity_poly.pdbx_strand_id                 A 
_entity_poly.pdbx_target_identifier         ? 
# 
loop_
_entity_poly_seq.entity_id 
_entity_poly_seq.num 
_entity_poly_seq.mon_id 
_entity_poly_seq.hetero 
1 1 GLY n 
1 2 CYS n 
1 3 PRO n 
1 4 DTR n 
1 5 ASP n 
1 6 PRO n 
1 7 TRP n 
1 8 CYS n 
# 
_pdbx_entity_src_syn.entity_id              1 
_pdbx_entity_src_syn.pdbx_src_id            1 
_pdbx_entity_src_syn.pdbx_alt_source_flag   sample 
_pdbx_entity_src_syn.pdbx_beg_seq_num       ? 
_pdbx_entity_src_syn.pdbx_end_seq_num       ? 
_pdbx_entity_src_syn.organism_scientific    'Conus loroisii' 
_pdbx_entity_src_syn.organism_common_name   'Cone snail' 
_pdbx_entity_src_syn.ncbi_taxonomy_id       410709 
_pdbx_entity_src_syn.details                ? 
# 
loop_
_chem_comp.id 
_chem_comp.type 
_chem_comp.mon_nstd_flag 
_chem_comp.name 
_chem_comp.pdbx_synonyms 
_chem_comp.formula 
_chem_comp.formula_weight 
ASP 'L-peptide linking' y 'ASPARTIC ACID' ? 'C4 H7 N O4'    133.103 
CYS 'L-peptide linking' y CYSTEINE        ? 'C3 H7 N O2 S'  121.158 
DTR 'D-peptide linking' . D-TRYPTOPHAN    ? 'C11 H12 N2 O2' 204.225 
GLY 'peptide linking'   y GLYCINE         ? 'C2 H5 N O2'    75.067  
PRO 'L-peptide linking' y PROLINE         ? 'C5 H9 N O2'    115.130 
TRP 'L-peptide linking' y TRYPTOPHAN      ? 'C11 H12 N2 O2' 204.225 
# 
loop_
_pdbx_poly_seq_scheme.asym_id 
_pdbx_poly_seq_scheme.entity_id 
_pdbx_poly_seq_scheme.seq_id 
_pdbx_poly_seq_scheme.mon_id 
_pdbx_poly_seq_scheme.ndb_seq_num 
_pdbx_poly_seq_scheme.pdb_seq_num 
_pdbx_poly_seq_scheme.auth_seq_num 
_pdbx_poly_seq_scheme.pdb_mon_id 
_pdbx_poly_seq_scheme.auth_mon_id 
_pdbx_poly_seq_scheme.pdb_strand_id 
_pdbx_poly_seq_scheme.pdb_ins_code 
_pdbx_poly_seq_scheme.hetero 
A 1 1 GLY 1 1 1 GLY GLY A . n 
A 1 2 CYS 2 2 2 CYS CYS A . n 
A 1 3 PRO 3 3 3 PRO PRO A . n 
A 1 4 DTR 4 4 4 DTR DTR A . n 
A 1 5 ASP 5 5 5 ASP ASP A . n 
A 1 6 PRO 6 6 6 PRO PRO A . n 
A 1 7 TRP 7 7 7 TRP TRP A . n 
A 1 8 CYS 8 8 8 CYS CYS A . n 
# 
_exptl.absorpt_coefficient_mu     ? 
_exptl.absorpt_correction_T_max   ? 
_exptl.absorpt_correction_T_min   ? 
_exptl.absorpt_correction_type    ? 
_exptl.absorpt_process_details    ? 
_exptl.crystals_number            ? 
_exptl.details                    ? 
_exptl.entry_id                   2M6H 
_exptl.method                     'SOLUTION NMR' 
_exptl.method_details             ? 
# 
_struct.entry_id                  2M6H 
_struct.title                     'Solution structure of trans(C2-P3) trans (D5-P6) of LO959 in methanol' 
_struct.pdbx_model_details        'with the good disulfide sidechain dihedral angle constraint, model1' 
_struct.pdbx_CASP_flag            ? 
_struct.pdbx_model_type_details   ? 
# 
_struct_keywords.entry_id        2M6H 
_struct_keywords.pdbx_keywords   TOXIN 
_struct_keywords.text            'Lo959, Methanol, TOXIN' 
# 
_struct_asym.id                            A 
_struct_asym.pdbx_blank_PDB_chainid_flag   N 
_struct_asym.pdbx_modified                 N 
_struct_asym.entity_id                     1 
_struct_asym.details                       ? 
# 
_struct_ref.id                         1 
_struct_ref.db_name                    UNP 
_struct_ref.db_code                    COW_CONLO 
_struct_ref.pdbx_db_accession          P0C250 
_struct_ref.entity_id                  1 
_struct_ref.pdbx_seq_one_letter_code   'GCP(DTR)DPWC' 
_struct_ref.pdbx_align_begin           1 
_struct_ref.pdbx_db_isoform            ? 
# 
_struct_ref_seq.align_id                      1 
_struct_ref_seq.ref_id                        1 
_struct_ref_seq.pdbx_PDB_id_code              2M6H 
_struct_ref_seq.pdbx_strand_id                A 
_struct_ref_seq.seq_align_beg                 1 
_struct_ref_seq.pdbx_seq_align_beg_ins_code   ? 
_struct_ref_seq.seq_align_end                 8 
_struct_ref_seq.pdbx_seq_align_end_ins_code   ? 
_struct_ref_seq.pdbx_db_accession             P0C250 
_struct_ref_seq.db_align_beg                  1 
_struct_ref_seq.pdbx_db_align_beg_ins_code    ? 
_struct_ref_seq.db_align_end                  8 
_struct_ref_seq.pdbx_db_align_end_ins_code    ? 
_struct_ref_seq.pdbx_auth_seq_align_beg       1 
_struct_ref_seq.pdbx_auth_seq_align_end       8 
# 
_pdbx_struct_assembly.id                   1 
_pdbx_struct_assembly.details              author_defined_assembly 
_pdbx_struct_assembly.method_details       ? 
_pdbx_struct_assembly.oligomeric_details   monomeric 
_pdbx_struct_assembly.oligomeric_count     1 
# 
_pdbx_struct_assembly_gen.assembly_id       1 
_pdbx_struct_assembly_gen.oper_expression   1 
_pdbx_struct_assembly_gen.asym_id_list      A 
# 
_pdbx_struct_oper_list.id                   1 
_pdbx_struct_oper_list.type                 'identity operation' 
_pdbx_struct_oper_list.name                 1_555 
_pdbx_struct_oper_list.symmetry_operation   x,y,z 
_pdbx_struct_oper_list.matrix[1][1]         1.0000000000 
_pdbx_struct_oper_list.matrix[1][2]         0.0000000000 
_pdbx_struct_oper_list.matrix[1][3]         0.0000000000 
_pdbx_struct_oper_list.vector[1]            0.0000000000 
_pdbx_struct_oper_list.matrix[2][1]         0.0000000000 
_pdbx_struct_oper_list.matrix[2][2]         1.0000000000 
_pdbx_struct_oper_list.matrix[2][3]         0.0000000000 
_pdbx_struct_oper_list.vector[2]            0.0000000000 
_pdbx_struct_oper_list.matrix[3][1]         0.0000000000 
_pdbx_struct_oper_list.matrix[3][2]         0.0000000000 
_pdbx_struct_oper_list.matrix[3][3]         1.0000000000 
_pdbx_struct_oper_list.vector[3]            0.0000000000 
# 
_struct_biol.id        1 
_struct_biol.details   ? 
# 
loop_
_struct_conn.id 
_struct_conn.conn_type_id 
_struct_conn.pdbx_leaving_atom_flag 
_struct_conn.pdbx_PDB_id 
_struct_conn.ptnr1_label_asym_id 
_struct_conn.ptnr1_label_comp_id 
_struct_conn.ptnr1_label_seq_id 
_struct_conn.ptnr1_label_atom_id 
_struct_conn.pdbx_ptnr1_label_alt_id 
_struct_conn.pdbx_ptnr1_PDB_ins_code 
_struct_conn.pdbx_ptnr1_standard_comp_id 
_struct_conn.ptnr1_symmetry 
_struct_conn.ptnr2_label_asym_id 
_struct_conn.ptnr2_label_comp_id 
_struct_conn.ptnr2_label_seq_id 
_struct_conn.ptnr2_label_atom_id 
_struct_conn.pdbx_ptnr2_label_alt_id 
_struct_conn.pdbx_ptnr2_PDB_ins_code 
_struct_conn.ptnr1_auth_asym_id 
_struct_conn.ptnr1_auth_comp_id 
_struct_conn.ptnr1_auth_seq_id 
_struct_conn.ptnr2_auth_asym_id 
_struct_conn.ptnr2_auth_comp_id 
_struct_conn.ptnr2_auth_seq_id 
_struct_conn.ptnr2_symmetry 
_struct_conn.pdbx_ptnr3_label_atom_id 
_struct_conn.pdbx_ptnr3_label_seq_id 
_struct_conn.pdbx_ptnr3_label_comp_id 
_struct_conn.pdbx_ptnr3_label_asym_id 
_struct_conn.pdbx_ptnr3_label_alt_id 
_struct_conn.pdbx_ptnr3_PDB_ins_code 
_struct_conn.details 
_struct_conn.pdbx_dist_value 
_struct_conn.pdbx_value_order 
_struct_conn.pdbx_role 
disulf1 disulf ?    ? A CYS 2 SG ? ? ? 1_555 A CYS 8 SG ? ? A CYS 2 A CYS 8 1_555 ? ? ? ? ? ? ? 1.962 ? ? 
covale1 covale both ? A PRO 3 C  ? ? ? 1_555 A DTR 4 N  ? ? A PRO 3 A DTR 4 1_555 ? ? ? ? ? ? ? 1.325 ? ? 
covale2 covale both ? A DTR 4 C  ? ? ? 1_555 A ASP 5 N  ? ? A DTR 4 A ASP 5 1_555 ? ? ? ? ? ? ? 1.328 ? ? 
# 
loop_
_struct_conn_type.id 
_struct_conn_type.criteria 
_struct_conn_type.reference 
disulf ? ? 
covale ? ? 
# 
_pdbx_modification_feature.ordinal                            1 
_pdbx_modification_feature.label_comp_id                      CYS 
_pdbx_modification_feature.label_asym_id                      A 
_pdbx_modification_feature.label_seq_id                       2 
_pdbx_modification_feature.label_alt_id                       ? 
_pdbx_modification_feature.modified_residue_label_comp_id     CYS 
_pdbx_modification_feature.modified_residue_label_asym_id     A 
_pdbx_modification_feature.modified_residue_label_seq_id      8 
_pdbx_modification_feature.modified_residue_label_alt_id      ? 
_pdbx_modification_feature.auth_comp_id                       CYS 
_pdbx_modification_feature.auth_asym_id                       A 
_pdbx_modification_feature.auth_seq_id                        2 
_pdbx_modification_feature.PDB_ins_code                       ? 
_pdbx_modification_feature.symmetry                           1_555 
_pdbx_modification_feature.modified_residue_auth_comp_id      CYS 
_pdbx_modification_feature.modified_residue_auth_asym_id      A 
_pdbx_modification_feature.modified_residue_auth_seq_id       8 
_pdbx_modification_feature.modified_residue_PDB_ins_code      ? 
_pdbx_modification_feature.modified_residue_symmetry          1_555 
_pdbx_modification_feature.comp_id_linking_atom               SG 
_pdbx_modification_feature.modified_residue_id_linking_atom   SG 
_pdbx_modification_feature.modified_residue_id                . 
_pdbx_modification_feature.ref_pcm_id                         . 
_pdbx_modification_feature.ref_comp_id                        . 
_pdbx_modification_feature.type                               None 
_pdbx_modification_feature.category                           'Disulfide bridge' 
# 
_struct_site.id                   AC1 
_struct_site.pdbx_evidence_code   Software 
_struct_site.pdbx_auth_asym_id    A 
_struct_site.pdbx_auth_comp_id    DTR 
_struct_site.pdbx_auth_seq_id     4 
_struct_site.pdbx_auth_ins_code   ? 
_struct_site.pdbx_num_residues    4 
_struct_site.details              'BINDING SITE FOR RESIDUE DTR A 4' 
# 
loop_
_struct_site_gen.id 
_struct_site_gen.site_id 
_struct_site_gen.pdbx_num_res 
_struct_site_gen.label_comp_id 
_struct_site_gen.label_asym_id 
_struct_site_gen.label_seq_id 
_struct_site_gen.pdbx_auth_ins_code 
_struct_site_gen.auth_comp_id 
_struct_site_gen.auth_asym_id 
_struct_site_gen.auth_seq_id 
_struct_site_gen.label_atom_id 
_struct_site_gen.label_alt_id 
_struct_site_gen.symmetry 
_struct_site_gen.details 
1 AC1 4 CYS A 2 ? CYS A 2 . ? 1_555 ? 
2 AC1 4 PRO A 3 ? PRO A 3 . ? 1_555 ? 
3 AC1 4 ASP A 5 ? ASP A 5 . ? 1_555 ? 
4 AC1 4 PRO A 6 ? PRO A 6 . ? 1_555 ? 
# 
_pdbx_entry_details.entry_id                   2M6H 
_pdbx_entry_details.compound_details           ? 
_pdbx_entry_details.source_details             ? 
_pdbx_entry_details.nonpolymer_details         ? 
_pdbx_entry_details.sequence_details           ? 
_pdbx_entry_details.has_ligand_of_interest     ? 
_pdbx_entry_details.has_protein_modification   Y 
# 
_pdbx_nmr_ensemble.average_constraint_violations_per_residue     ? 
_pdbx_nmr_ensemble.average_constraints_per_residue               ? 
_pdbx_nmr_ensemble.average_distance_constraint_violation         ? 
_pdbx_nmr_ensemble.average_torsion_angle_constraint_violation    ? 
_pdbx_nmr_ensemble.conformer_selection_criteria                  'structures with the lowest energy' 
_pdbx_nmr_ensemble.conformers_calculated_total_number            100 
_pdbx_nmr_ensemble.conformers_submitted_total_number             10 
_pdbx_nmr_ensemble.distance_constraint_violation_method          ? 
_pdbx_nmr_ensemble.entry_id                                      2M6H 
_pdbx_nmr_ensemble.maximum_distance_constraint_violation         ? 
_pdbx_nmr_ensemble.maximum_lower_distance_constraint_violation   ? 
_pdbx_nmr_ensemble.maximum_torsion_angle_constraint_violation    ? 
_pdbx_nmr_ensemble.maximum_upper_distance_constraint_violation   ? 
_pdbx_nmr_ensemble.representative_conformer                      1 
_pdbx_nmr_ensemble.torsion_angle_constraint_violation_method     ? 
# 
_pdbx_nmr_representative.conformer_id         1 
_pdbx_nmr_representative.entry_id             2M6H 
_pdbx_nmr_representative.selection_criteria   'with the good disulfide sidechain dihedral angle constraint' 
# 
_pdbx_nmr_sample_details.contents         '2 mM methanol-1, methanol' 
_pdbx_nmr_sample_details.solution_id      1 
_pdbx_nmr_sample_details.solvent_system   methanol 
# 
_pdbx_nmr_exptl_sample.component             methanol-1 
_pdbx_nmr_exptl_sample.concentration         2 
_pdbx_nmr_exptl_sample.concentration_range   ? 
_pdbx_nmr_exptl_sample.concentration_units   mM 
_pdbx_nmr_exptl_sample.isotopic_labeling     ? 
_pdbx_nmr_exptl_sample.solution_id           1 
# 
_pdbx_nmr_exptl_sample_conditions.conditions_id       1 
_pdbx_nmr_exptl_sample_conditions.ionic_strength      ? 
_pdbx_nmr_exptl_sample_conditions.pH                  ? 
_pdbx_nmr_exptl_sample_conditions.pressure            ? 
_pdbx_nmr_exptl_sample_conditions.pressure_units      ? 
_pdbx_nmr_exptl_sample_conditions.temperature         303 
_pdbx_nmr_exptl_sample_conditions.temperature_units   K 
# 
loop_
_pdbx_nmr_exptl.conditions_id 
_pdbx_nmr_exptl.experiment_id 
_pdbx_nmr_exptl.solution_id 
_pdbx_nmr_exptl.type 
1 1 1 '2D 1H-1H TOCSY'           
1 2 1 '2D 1H-13C HSQC aliphatic' 
1 3 1 '2D 1H-13C HSQC aromatic'  
1 4 1 '2D 1H-1H NOESY'           
# 
_pdbx_nmr_refine.entry_id           2M6H 
_pdbx_nmr_refine.method             'torsion angle dynamics' 
_pdbx_nmr_refine.details            ? 
_pdbx_nmr_refine.software_ordinal   1 
# 
loop_
_pdbx_nmr_software.authors 
_pdbx_nmr_software.classification 
_pdbx_nmr_software.name 
_pdbx_nmr_software.ordinal 
_pdbx_nmr_software.version 
'Guntert, Mumenthaler and Wuthrich' 'structure solution' CYANA 1 3 
?                                   refinement           CYANA 2 ? 
# 
loop_
_chem_comp_atom.comp_id 
_chem_comp_atom.atom_id 
_chem_comp_atom.type_symbol 
_chem_comp_atom.pdbx_aromatic_flag 
_chem_comp_atom.pdbx_stereo_config 
_chem_comp_atom.pdbx_ordinal 
ASP N   N N N 1   
ASP CA  C N S 2   
ASP C   C N N 3   
ASP O   O N N 4   
ASP CB  C N N 5   
ASP CG  C N N 6   
ASP OD1 O N N 7   
ASP OD2 O N N 8   
ASP OXT O N N 9   
ASP H   H N N 10  
ASP H2  H N N 11  
ASP HA  H N N 12  
ASP HB2 H N N 13  
ASP HB3 H N N 14  
ASP HD2 H N N 15  
ASP HXT H N N 16  
CYS N   N N N 17  
CYS CA  C N R 18  
CYS C   C N N 19  
CYS O   O N N 20  
CYS CB  C N N 21  
CYS SG  S N N 22  
CYS OXT O N N 23  
CYS H   H N N 24  
CYS H2  H N N 25  
CYS HA  H N N 26  
CYS HB2 H N N 27  
CYS HB3 H N N 28  
CYS HG  H N N 29  
CYS HXT H N N 30  
DTR N   N N N 31  
DTR CA  C N R 32  
DTR CB  C N N 33  
DTR CG  C Y N 34  
DTR CD1 C Y N 35  
DTR NE1 N Y N 36  
DTR CE2 C Y N 37  
DTR CZ2 C Y N 38  
DTR CH2 C Y N 39  
DTR CZ3 C Y N 40  
DTR CE3 C Y N 41  
DTR CD2 C Y N 42  
DTR C   C N N 43  
DTR O   O N N 44  
DTR OXT O N N 45  
DTR H   H N N 46  
DTR H2  H N N 47  
DTR HA  H N N 48  
DTR HB2 H N N 49  
DTR HB3 H N N 50  
DTR HD1 H N N 51  
DTR HE1 H N N 52  
DTR HZ2 H N N 53  
DTR HH2 H N N 54  
DTR HZ3 H N N 55  
DTR HE3 H N N 56  
DTR HXT H N N 57  
GLY N   N N N 58  
GLY CA  C N N 59  
GLY C   C N N 60  
GLY O   O N N 61  
GLY OXT O N N 62  
GLY H   H N N 63  
GLY H2  H N N 64  
GLY HA2 H N N 65  
GLY HA3 H N N 66  
GLY HXT H N N 67  
PRO N   N N N 68  
PRO CA  C N S 69  
PRO C   C N N 70  
PRO O   O N N 71  
PRO CB  C N N 72  
PRO CG  C N N 73  
PRO CD  C N N 74  
PRO OXT O N N 75  
PRO H   H N N 76  
PRO HA  H N N 77  
PRO HB2 H N N 78  
PRO HB3 H N N 79  
PRO HG2 H N N 80  
PRO HG3 H N N 81  
PRO HD2 H N N 82  
PRO HD3 H N N 83  
PRO HXT H N N 84  
TRP N   N N N 85  
TRP CA  C N S 86  
TRP C   C N N 87  
TRP O   O N N 88  
TRP CB  C N N 89  
TRP CG  C Y N 90  
TRP CD1 C Y N 91  
TRP CD2 C Y N 92  
TRP NE1 N Y N 93  
TRP CE2 C Y N 94  
TRP CE3 C Y N 95  
TRP CZ2 C Y N 96  
TRP CZ3 C Y N 97  
TRP CH2 C Y N 98  
TRP OXT O N N 99  
TRP H   H N N 100 
TRP H2  H N N 101 
TRP HA  H N N 102 
TRP HB2 H N N 103 
TRP HB3 H N N 104 
TRP HD1 H N N 105 
TRP HE1 H N N 106 
TRP HE3 H N N 107 
TRP HZ2 H N N 108 
TRP HZ3 H N N 109 
TRP HH2 H N N 110 
TRP HXT H N N 111 
# 
loop_
_chem_comp_bond.comp_id 
_chem_comp_bond.atom_id_1 
_chem_comp_bond.atom_id_2 
_chem_comp_bond.value_order 
_chem_comp_bond.pdbx_aromatic_flag 
_chem_comp_bond.pdbx_stereo_config 
_chem_comp_bond.pdbx_ordinal 
ASP N   CA  sing N N 1   
ASP N   H   sing N N 2   
ASP N   H2  sing N N 3   
ASP CA  C   sing N N 4   
ASP CA  CB  sing N N 5   
ASP CA  HA  sing N N 6   
ASP C   O   doub N N 7   
ASP C   OXT sing N N 8   
ASP CB  CG  sing N N 9   
ASP CB  HB2 sing N N 10  
ASP CB  HB3 sing N N 11  
ASP CG  OD1 doub N N 12  
ASP CG  OD2 sing N N 13  
ASP OD2 HD2 sing N N 14  
ASP OXT HXT sing N N 15  
CYS N   CA  sing N N 16  
CYS N   H   sing N N 17  
CYS N   H2  sing N N 18  
CYS CA  C   sing N N 19  
CYS CA  CB  sing N N 20  
CYS CA  HA  sing N N 21  
CYS C   O   doub N N 22  
CYS C   OXT sing N N 23  
CYS CB  SG  sing N N 24  
CYS CB  HB2 sing N N 25  
CYS CB  HB3 sing N N 26  
CYS SG  HG  sing N N 27  
CYS OXT HXT sing N N 28  
DTR N   CA  sing N N 29  
DTR N   H   sing N N 30  
DTR N   H2  sing N N 31  
DTR CA  CB  sing N N 32  
DTR CA  C   sing N N 33  
DTR CA  HA  sing N N 34  
DTR CB  CG  sing N N 35  
DTR CB  HB2 sing N N 36  
DTR CB  HB3 sing N N 37  
DTR CG  CD1 doub Y N 38  
DTR CG  CD2 sing Y N 39  
DTR CD1 NE1 sing Y N 40  
DTR CD1 HD1 sing N N 41  
DTR NE1 CE2 sing Y N 42  
DTR NE1 HE1 sing N N 43  
DTR CE2 CZ2 doub Y N 44  
DTR CE2 CD2 sing Y N 45  
DTR CZ2 CH2 sing Y N 46  
DTR CZ2 HZ2 sing N N 47  
DTR CH2 CZ3 doub Y N 48  
DTR CH2 HH2 sing N N 49  
DTR CZ3 CE3 sing Y N 50  
DTR CZ3 HZ3 sing N N 51  
DTR CE3 CD2 doub Y N 52  
DTR CE3 HE3 sing N N 53  
DTR C   O   doub N N 54  
DTR C   OXT sing N N 55  
DTR OXT HXT sing N N 56  
GLY N   CA  sing N N 57  
GLY N   H   sing N N 58  
GLY N   H2  sing N N 59  
GLY CA  C   sing N N 60  
GLY CA  HA2 sing N N 61  
GLY CA  HA3 sing N N 62  
GLY C   O   doub N N 63  
GLY C   OXT sing N N 64  
GLY OXT HXT sing N N 65  
PRO N   CA  sing N N 66  
PRO N   CD  sing N N 67  
PRO N   H   sing N N 68  
PRO CA  C   sing N N 69  
PRO CA  CB  sing N N 70  
PRO CA  HA  sing N N 71  
PRO C   O   doub N N 72  
PRO C   OXT sing N N 73  
PRO CB  CG  sing N N 74  
PRO CB  HB2 sing N N 75  
PRO CB  HB3 sing N N 76  
PRO CG  CD  sing N N 77  
PRO CG  HG2 sing N N 78  
PRO CG  HG3 sing N N 79  
PRO CD  HD2 sing N N 80  
PRO CD  HD3 sing N N 81  
PRO OXT HXT sing N N 82  
TRP N   CA  sing N N 83  
TRP N   H   sing N N 84  
TRP N   H2  sing N N 85  
TRP CA  C   sing N N 86  
TRP CA  CB  sing N N 87  
TRP CA  HA  sing N N 88  
TRP C   O   doub N N 89  
TRP C   OXT sing N N 90  
TRP CB  CG  sing N N 91  
TRP CB  HB2 sing N N 92  
TRP CB  HB3 sing N N 93  
TRP CG  CD1 doub Y N 94  
TRP CG  CD2 sing Y N 95  
TRP CD1 NE1 sing Y N 96  
TRP CD1 HD1 sing N N 97  
TRP CD2 CE2 doub Y N 98  
TRP CD2 CE3 sing Y N 99  
TRP NE1 CE2 sing Y N 100 
TRP NE1 HE1 sing N N 101 
TRP CE2 CZ2 sing Y N 102 
TRP CE3 CZ3 doub Y N 103 
TRP CE3 HE3 sing N N 104 
TRP CZ2 CH2 doub Y N 105 
TRP CZ2 HZ2 sing N N 106 
TRP CZ3 CH2 sing Y N 107 
TRP CZ3 HZ3 sing N N 108 
TRP CH2 HH2 sing N N 109 
TRP OXT HXT sing N N 110 
# 
_pdbx_nmr_spectrometer.field_strength    500 
_pdbx_nmr_spectrometer.manufacturer      Bruker 
_pdbx_nmr_spectrometer.model             AVANCE 
_pdbx_nmr_spectrometer.spectrometer_id   1 
_pdbx_nmr_spectrometer.type              'Bruker Avance' 
# 
_atom_sites.entry_id                    2M6H 
_atom_sites.fract_transf_matrix[1][1]   1.000000 
_atom_sites.fract_transf_matrix[1][2]   0.000000 
_atom_sites.fract_transf_matrix[1][3]   0.000000 
_atom_sites.fract_transf_matrix[2][1]   0.000000 
_atom_sites.fract_transf_matrix[2][2]   1.000000 
_atom_sites.fract_transf_matrix[2][3]   0.000000 
_atom_sites.fract_transf_matrix[3][1]   0.000000 
_atom_sites.fract_transf_matrix[3][2]   0.000000 
_atom_sites.fract_transf_matrix[3][3]   1.000000 
_atom_sites.fract_transf_vector[1]      0.00000 
_atom_sites.fract_transf_vector[2]      0.00000 
_atom_sites.fract_transf_vector[3]      0.00000 
# 
loop_
_atom_type.symbol 
C 
H 
N 
O 
S 
# 
loop_
_atom_site.group_PDB 
_atom_site.id 
_atom_site.type_symbol 
_atom_site.label_atom_id 
_atom_site.label_alt_id 
_atom_site.label_comp_id 
_atom_site.label_asym_id 
_atom_site.label_entity_id 
_atom_site.label_seq_id 
_atom_site.pdbx_PDB_ins_code 
_atom_site.Cartn_x 
_atom_site.Cartn_y 
_atom_site.Cartn_z 
_atom_site.occupancy 
_atom_site.B_iso_or_equiv 
_atom_site.pdbx_formal_charge 
_atom_site.auth_seq_id 
_atom_site.auth_comp_id 
_atom_site.auth_asym_id 
_atom_site.auth_atom_id 
_atom_site.pdbx_PDB_model_num 
ATOM   1    N N   . GLY A 1 1 ? 5.240   -0.552 2.014  1.00 13.00 ? 1 GLY A N   1  
ATOM   2    C CA  . GLY A 1 1 ? 4.290   0.151  1.173  1.00 45.03 ? 1 GLY A CA  1  
ATOM   3    C C   . GLY A 1 1 ? 3.322   0.999  1.974  1.00 42.40 ? 1 GLY A C   1  
ATOM   4    O O   . GLY A 1 1 ? 3.673   1.524  3.031  1.00 4.10  ? 1 GLY A O   1  
ATOM   5    H H1  . GLY A 1 1 ? 5.335   -1.524 1.938  1.00 52.40 ? 1 GLY A H1  1  
ATOM   6    H HA2 . GLY A 1 1 ? 4.832   0.787  0.490  1.00 73.13 ? 1 GLY A HA2 1  
ATOM   7    H HA3 . GLY A 1 1 ? 3.727   -0.575 0.603  1.00 51.43 ? 1 GLY A HA3 1  
ATOM   8    N N   . CYS A 1 2 ? 2.101   1.137  1.469  1.00 72.00 ? 2 CYS A N   1  
ATOM   9    C CA  . CYS A 1 2 ? 1.079   1.930  2.142  1.00 34.13 ? 2 CYS A CA  1  
ATOM   10   C C   . CYS A 1 2 ? -0.053  1.041  2.649  1.00 73.33 ? 2 CYS A C   1  
ATOM   11   O O   . CYS A 1 2 ? -0.302  -0.046 2.128  1.00 72.33 ? 2 CYS A O   1  
ATOM   12   C CB  . CYS A 1 2 ? 0.522   2.994  1.195  1.00 10.43 ? 2 CYS A CB  1  
ATOM   13   S SG  . CYS A 1 2 ? 1.798   3.904  0.266  1.00 3.53  ? 2 CYS A SG  1  
ATOM   14   H H   . CYS A 1 2 ? 1.880   0.694  0.621  1.00 75.52 ? 2 CYS A H   1  
ATOM   15   H HA  . CYS A 1 2 ? 1.542   2.420  2.986  1.00 20.43 ? 2 CYS A HA  1  
ATOM   16   H HB2 . CYS A 1 2 ? -0.130  2.519  0.476  1.00 13.25 ? 2 CYS A HB2 1  
ATOM   17   H HB3 . CYS A 1 2 ? -0.045  3.713  1.767  1.00 42.13 ? 2 CYS A HB3 1  
ATOM   18   N N   . PRO A 1 3 ? -0.756  1.514  3.689  1.00 75.22 ? 3 PRO A N   1  
ATOM   19   C CA  . PRO A 1 3 ? -1.873  0.779  4.290  1.00 45.44 ? 3 PRO A CA  1  
ATOM   20   C C   . PRO A 1 3 ? -3.088  0.720  3.370  1.00 65.14 ? 3 PRO A C   1  
ATOM   21   O O   . PRO A 1 3 ? -3.735  1.745  3.161  1.00 42.14 ? 3 PRO A O   1  
ATOM   22   C CB  . PRO A 1 3 ? -2.194  1.588  5.548  1.00 20.42 ? 3 PRO A CB  1  
ATOM   23   C CG  . PRO A 1 3 ? -1.717  2.967  5.245  1.00 65.22 ? 3 PRO A CG  1  
ATOM   24   C CD  . PRO A 1 3 ? -0.514  2.803  4.360  1.00 15.22 ? 3 PRO A CD  1  
ATOM   25   H HA  . PRO A 1 3 ? -1.584  -0.224 4.567  1.00 64.33 ? 3 PRO A HA  1  
ATOM   26   H HB2 . PRO A 1 3 ? -3.260  1.569  5.729  1.00 22.43 ? 3 PRO A HB2 1  
ATOM   27   H HB3 . PRO A 1 3 ? -1.672  1.167  6.394  1.00 61.13 ? 3 PRO A HB3 1  
ATOM   28   H HG2 . PRO A 1 3 ? -2.490  3.517  4.730  1.00 41.00 ? 3 PRO A HG2 1  
ATOM   29   H HG3 . PRO A 1 3 ? -1.444  3.470  6.161  1.00 3.15  ? 3 PRO A HG3 1  
ATOM   30   H HD2 . PRO A 1 3 ? -0.460  3.607  3.642  1.00 62.43 ? 3 PRO A HD2 1  
ATOM   31   H HD3 . PRO A 1 3 ? 0.388   2.764  4.953  1.00 53.53 ? 3 PRO A HD3 1  
HETATM 32   N N   . DTR A 1 4 ? -3.368  -0.464 2.846  1.00 44.25 ? 4 DTR A N   1  
HETATM 33   C CA  . DTR A 1 4 ? -4.504  -0.638 1.956  1.00 5.32  ? 4 DTR A CA  1  
HETATM 34   C CB  . DTR A 1 4 ? -5.318  -1.876 2.341  1.00 51.42 ? 4 DTR A CB  1  
HETATM 35   C CG  . DTR A 1 4 ? -6.455  -1.591 3.324  1.00 2.40  ? 4 DTR A CG  1  
HETATM 36   C CD1 . DTR A 1 4 ? -6.397  -0.913 4.478  1.00 72.51 ? 4 DTR A CD1 1  
HETATM 37   N NE1 . DTR A 1 4 ? -7.629  -0.862 5.097  1.00 74.22 ? 4 DTR A NE1 1  
HETATM 38   C CE2 . DTR A 1 4 ? -8.529  -1.547 4.290  1.00 2.03  ? 4 DTR A CE2 1  
HETATM 39   C CZ2 . DTR A 1 4 ? -9.897  -1.777 4.479  1.00 14.30 ? 4 DTR A CZ2 1  
HETATM 40   C CH2 . DTR A 1 4 ? -10.549 -2.511 3.481  1.00 14.14 ? 4 DTR A CH2 1  
HETATM 41   C CZ3 . DTR A 1 4 ? -9.831  -2.967 2.381  1.00 2.30  ? 4 DTR A CZ3 1  
HETATM 42   C CE3 . DTR A 1 4 ? -8.463  -2.746 2.177  1.00 21.33 ? 4 DTR A CE3 1  
HETATM 43   C CD2 . DTR A 1 4 ? -7.830  -2.006 3.191  1.00 22.13 ? 4 DTR A CD2 1  
HETATM 44   C C   . DTR A 1 4 ? -3.975  -0.693 0.521  1.00 25.31 ? 4 DTR A C   1  
HETATM 45   O O   . DTR A 1 4 ? -4.584  -1.278 -0.377 1.00 15.43 ? 4 DTR A O   1  
HETATM 46   H H   . DTR A 1 4 ? -2.837  -1.293 3.021  1.00 4.10  ? 4 DTR A H   1  
HETATM 47   H HA  . DTR A 1 4 ? -5.159  0.224  2.078  1.00 61.23 ? 4 DTR A HA  1  
HETATM 48   H HB2 . DTR A 1 4 ? -4.648  -2.616 2.779  1.00 63.13 ? 4 DTR A HB2 1  
HETATM 49   H HB3 . DTR A 1 4 ? -5.735  -2.319 1.436  1.00 35.21 ? 4 DTR A HB3 1  
HETATM 50   H HD1 . DTR A 1 4 ? -5.490  -0.458 4.878  1.00 30.03 ? 4 DTR A HD1 1  
HETATM 51   H HE1 . DTR A 1 4 ? -7.856  -0.373 6.045  1.00 51.21 ? 4 DTR A HE1 1  
HETATM 52   H HZ2 . DTR A 1 4 ? -10.425 -1.404 5.355  1.00 63.44 ? 4 DTR A HZ2 1  
HETATM 53   H HH2 . DTR A 1 4 ? -11.614 -2.726 3.566  1.00 72.43 ? 4 DTR A HH2 1  
HETATM 54   H HZ3 . DTR A 1 4 ? -10.371 -3.536 1.624  1.00 52.54 ? 4 DTR A HZ3 1  
HETATM 55   H HE3 . DTR A 1 4 ? -7.934  -3.120 1.301  1.00 44.52 ? 4 DTR A HE3 1  
ATOM   56   N N   . ASP A 1 5 ? -2.820  -0.068 0.323  1.00 30.11 ? 5 ASP A N   1  
ATOM   57   C CA  . ASP A 1 5 ? -2.185  -0.031 -0.989 1.00 22.11 ? 5 ASP A CA  1  
ATOM   58   C C   . ASP A 1 5 ? -0.723  -0.456 -0.897 1.00 22.21 ? 5 ASP A C   1  
ATOM   59   O O   . ASP A 1 5 ? 0.191   0.369  -0.897 1.00 21.10 ? 5 ASP A O   1  
ATOM   60   C CB  . ASP A 1 5 ? -2.284  1.373  -1.588 1.00 74.11 ? 5 ASP A CB  1  
ATOM   61   C CG  . ASP A 1 5 ? -2.078  1.378  -3.089 1.00 53.30 ? 5 ASP A CG  1  
ATOM   62   O OD1 . ASP A 1 5 ? -1.331  0.511  -3.588 1.00 3.03  ? 5 ASP A OD1 1  
ATOM   63   O OD2 . ASP A 1 5 ? -2.662  2.250  -3.767 1.00 35.52 ? 5 ASP A OD2 1  
ATOM   64   H H   . ASP A 1 5 ? -2.383  0.380  1.079  1.00 61.43 ? 5 ASP A H   1  
ATOM   65   H HA  . ASP A 1 5 ? -2.709  -0.723 -1.631 1.00 31.33 ? 5 ASP A HA  1  
ATOM   66   H HB2 . ASP A 1 5 ? -3.262  1.780  -1.376 1.00 35.50 ? 5 ASP A HB2 1  
ATOM   67   H HB3 . ASP A 1 5 ? -1.530  2.003  -1.136 1.00 43.04 ? 5 ASP A HB3 1  
ATOM   68   N N   . PRO A 1 6 ? -0.495  -1.775 -0.815 1.00 21.04 ? 6 PRO A N   1  
ATOM   69   C CA  . PRO A 1 6 ? 0.855   -2.341 -0.721 1.00 62.23 ? 6 PRO A CA  1  
ATOM   70   C C   . PRO A 1 6 ? 1.641   -2.186 -2.018 1.00 63.11 ? 6 PRO A C   1  
ATOM   71   O O   . PRO A 1 6 ? 2.839   -2.463 -2.066 1.00 34.11 ? 6 PRO A O   1  
ATOM   72   C CB  . PRO A 1 6 ? 0.599   -3.821 -0.424 1.00 31.01 ? 6 PRO A CB  1  
ATOM   73   C CG  . PRO A 1 6 ? -0.756  -4.091 -0.983 1.00 34.21 ? 6 PRO A CG  1  
ATOM   74   C CD  . PRO A 1 6 ? -1.536  -2.817 -0.810 1.00 72.13 ? 6 PRO A CD  1  
ATOM   75   H HA  . PRO A 1 6 ? 1.413   -1.901 0.092  1.00 51.33 ? 6 PRO A HA  1  
ATOM   76   H HB2 . PRO A 1 6 ? 1.354   -4.424 -0.908 1.00 41.34 ? 6 PRO A HB2 1  
ATOM   77   H HB3 . PRO A 1 6 ? 0.627   -3.988 0.642  1.00 60.22 ? 6 PRO A HB3 1  
ATOM   78   H HG2 . PRO A 1 6 ? -0.678  -4.344 -2.028 1.00 1.33  ? 6 PRO A HG2 1  
ATOM   79   H HG3 . PRO A 1 6 ? -1.225  -4.894 -0.434 1.00 12.23 ? 6 PRO A HG3 1  
ATOM   80   H HD2 . PRO A 1 6 ? -2.222  -2.681 -1.632 1.00 42.02 ? 6 PRO A HD2 1  
ATOM   81   H HD3 . PRO A 1 6 ? -2.067  -2.824 0.130  1.00 25.31 ? 6 PRO A HD3 1  
ATOM   82   N N   . TRP A 1 7 ? 0.958   -1.742 -3.067 1.00 52.35 ? 7 TRP A N   1  
ATOM   83   C CA  . TRP A 1 7 ? 1.594   -1.549 -4.367 1.00 34.51 ? 7 TRP A CA  1  
ATOM   84   C C   . TRP A 1 7 ? 1.692   -0.067 -4.710 1.00 1.31  ? 7 TRP A C   1  
ATOM   85   O O   . TRP A 1 7 ? 1.933   0.299  -5.861 1.00 64.34 ? 7 TRP A O   1  
ATOM   86   C CB  . TRP A 1 7 ? 0.812   -2.287 -5.454 1.00 40.42 ? 7 TRP A CB  1  
ATOM   87   C CG  . TRP A 1 7 ? 1.160   -3.742 -5.553 1.00 43.44 ? 7 TRP A CG  1  
ATOM   88   C CD1 . TRP A 1 7 ? 0.306   -4.799 -5.428 1.00 64.13 ? 7 TRP A CD1 1  
ATOM   89   C CD2 . TRP A 1 7 ? 2.457   -4.297 -5.796 1.00 4.51  ? 7 TRP A CD2 1  
ATOM   90   N NE1 . TRP A 1 7 ? 0.993   -5.980 -5.580 1.00 75.20 ? 7 TRP A NE1 1  
ATOM   91   C CE2 . TRP A 1 7 ? 2.314   -5.699 -5.808 1.00 35.21 ? 7 TRP A CE2 1  
ATOM   92   C CE3 . TRP A 1 7 ? 3.724   -3.748 -6.009 1.00 72.12 ? 7 TRP A CE3 1  
ATOM   93   C CZ2 . TRP A 1 7 ? 3.391   -6.555 -6.020 1.00 63.12 ? 7 TRP A CZ2 1  
ATOM   94   C CZ3 . TRP A 1 7 ? 4.792   -4.599 -6.220 1.00 72.21 ? 7 TRP A CZ3 1  
ATOM   95   C CH2 . TRP A 1 7 ? 4.621   -5.990 -6.224 1.00 44.42 ? 7 TRP A CH2 1  
ATOM   96   H H   . TRP A 1 7 ? 0.005   -1.538 -2.967 1.00 3.50  ? 7 TRP A H   1  
ATOM   97   H HA  . TRP A 1 7 ? 2.591   -1.962 -4.310 1.00 50.44 ? 7 TRP A HA  1  
ATOM   98   H HB2 . TRP A 1 7 ? -0.244  -2.211 -5.244 1.00 62.50 ? 7 TRP A HB2 1  
ATOM   99   H HB3 . TRP A 1 7 ? 1.018   -1.828 -6.410 1.00 15.31 ? 7 TRP A HB3 1  
ATOM   100  H HD1 . TRP A 1 7 ? -0.753  -4.707 -5.237 1.00 73.04 ? 7 TRP A HD1 1  
ATOM   101  H HE1 . TRP A 1 7 ? 0.600   -6.877 -5.533 1.00 61.43 ? 7 TRP A HE1 1  
ATOM   102  H HE3 . TRP A 1 7 ? 3.877   -2.679 -6.009 1.00 22.02 ? 7 TRP A HE3 1  
ATOM   103  H HZ2 . TRP A 1 7 ? 3.275   -7.629 -6.028 1.00 73.11 ? 7 TRP A HZ2 1  
ATOM   104  H HZ3 . TRP A 1 7 ? 5.779   -4.192 -6.386 1.00 31.34 ? 7 TRP A HZ3 1  
ATOM   105  H HH2 . TRP A 1 7 ? 5.483   -6.616 -6.393 1.00 43.34 ? 7 TRP A HH2 1  
ATOM   106  N N   . CYS A 1 8 ? 1.506   0.782  -3.705 1.00 52.34 ? 8 CYS A N   1  
ATOM   107  C CA  . CYS A 1 8 ? 1.574   2.225  -3.901 1.00 43.34 ? 8 CYS A CA  1  
ATOM   108  C C   . CYS A 1 8 ? 2.978   2.653  -4.315 1.00 15.23 ? 8 CYS A C   1  
ATOM   109  O O   . CYS A 1 8 ? 3.948   1.925  -4.101 1.00 22.14 ? 8 CYS A O   1  
ATOM   110  C CB  . CYS A 1 8 ? 1.163   2.955  -2.621 1.00 34.51 ? 8 CYS A CB  1  
ATOM   111  S SG  . CYS A 1 8 ? 2.390   2.848  -1.278 1.00 50.55 ? 8 CYS A SG  1  
ATOM   112  H H   . CYS A 1 8 ? 1.318   0.430  -2.810 1.00 70.33 ? 8 CYS A H   1  
ATOM   113  H HA  . CYS A 1 8 ? 0.885   2.487  -4.690 1.00 23.24 ? 8 CYS A HA  1  
ATOM   114  H HB2 . CYS A 1 8 ? 1.012   4.001  -2.845 1.00 33.33 ? 8 CYS A HB2 1  
ATOM   115  H HB3 . CYS A 1 8 ? 0.238   2.532  -2.256 1.00 54.13 ? 8 CYS A HB3 1  
ATOM   116  N N   . GLY A 1 1 ? 5.179   -0.594 2.345  1.00 63.41 ? 1 GLY A N   2  
ATOM   117  C CA  . GLY A 1 1 ? 4.262   0.032  1.411  1.00 43.14 ? 1 GLY A CA  2  
ATOM   118  C C   . GLY A 1 1 ? 3.296   0.981  2.093  1.00 11.43 ? 1 GLY A C   2  
ATOM   119  O O   . GLY A 1 1 ? 3.638   1.613  3.092  1.00 53.35 ? 1 GLY A O   2  
ATOM   120  H H1  . GLY A 1 1 ? 5.879   -1.194 2.013  1.00 55.12 ? 1 GLY A H1  2  
ATOM   121  H HA2 . GLY A 1 1 ? 4.832   0.581  0.676  1.00 72.02 ? 1 GLY A HA2 2  
ATOM   122  H HA3 . GLY A 1 1 ? 3.695   -0.740 0.909  1.00 54.43 ? 1 GLY A HA3 2  
ATOM   123  N N   . CYS A 1 2 ? 2.088   1.083  1.551  1.00 74.23 ? 2 CYS A N   2  
ATOM   124  C CA  . CYS A 1 2 ? 1.071   1.964  2.112  1.00 62.34 ? 2 CYS A CA  2  
ATOM   125  C C   . CYS A 1 2 ? -0.089  1.157  2.691  1.00 73.21 ? 2 CYS A C   2  
ATOM   126  O O   . CYS A 1 2 ? -0.350  0.024  2.289  1.00 3.31  ? 2 CYS A O   2  
ATOM   127  C CB  . CYS A 1 2 ? 0.551   2.926  1.041  1.00 1.11  ? 2 CYS A CB  2  
ATOM   128  S SG  . CYS A 1 2 ? 1.862   3.705  0.044  1.00 63.12 ? 2 CYS A SG  2  
ATOM   129  H H   . CYS A 1 2 ? 1.873   0.554  0.754  1.00 1.55  ? 2 CYS A H   2  
ATOM   130  H HA  . CYS A 1 2 ? 1.526   2.536  2.906  1.00 10.42 ? 2 CYS A HA  2  
ATOM   131  H HB2 . CYS A 1 2 ? -0.096  2.385  0.366  1.00 40.44 ? 2 CYS A HB2 2  
ATOM   132  H HB3 . CYS A 1 2 ? -0.012  3.714  1.518  1.00 33.15 ? 2 CYS A HB3 2  
ATOM   133  N N   . PRO A 1 3 ? -0.800  1.755  3.658  1.00 21.23 ? 3 PRO A N   2  
ATOM   134  C CA  . PRO A 1 3 ? -1.943  1.110  4.312  1.00 74.11 ? 3 PRO A CA  2  
ATOM   135  C C   . PRO A 1 3 ? -3.142  0.971  3.380  1.00 13.14 ? 3 PRO A C   2  
ATOM   136  O O   . PRO A 1 3 ? -3.766  1.978  3.047  1.00 14.21 ? 3 PRO A O   2  
ATOM   137  C CB  . PRO A 1 3 ? -2.271  2.059  5.468  1.00 50.11 ? 3 PRO A CB  2  
ATOM   138  C CG  . PRO A 1 3 ? -1.762  3.388  5.024  1.00 25.13 ? 3 PRO A CG  2  
ATOM   139  C CD  . PRO A 1 3 ? -0.545  3.105  4.186  1.00 34.12 ? 3 PRO A CD  2  
ATOM   140  H HA  . PRO A 1 3 ? -1.680  0.140  4.705  1.00 35.52 ? 3 PRO A HA  2  
ATOM   141  H HB2 . PRO A 1 3 ? -3.340  2.079  5.628  1.00 22.14 ? 3 PRO A HB2 2  
ATOM   142  H HB3 . PRO A 1 3 ? -1.773  1.725  6.366  1.00 53.42 ? 3 PRO A HB3 2  
ATOM   143  H HG2 . PRO A 1 3 ? -2.513  3.891  4.435  1.00 24.21 ? 3 PRO A HG2 2  
ATOM   144  H HG3 . PRO A 1 3 ? -1.495  3.983  5.883  1.00 75.01 ? 3 PRO A HG3 2  
ATOM   145  H HD2 . PRO A 1 3 ? -0.464  3.824  3.385  1.00 12.11 ? 3 PRO A HD2 2  
ATOM   146  H HD3 . PRO A 1 3 ? 0.345   3.117  4.799  1.00 61.03 ? 3 PRO A HD3 2  
HETATM 147  N N   . DTR A 1 4 ? -3.436  -0.259 2.985  1.00 60.41 ? 4 DTR A N   2  
HETATM 148  C CA  . DTR A 1 4 ? -4.558  -0.511 2.097  1.00 62.05 ? 4 DTR A CA  2  
HETATM 149  C CB  . DTR A 1 4 ? -5.403  -1.684 2.601  1.00 41.44 ? 4 DTR A CB  2  
HETATM 150  C CG  . DTR A 1 4 ? -6.631  -1.263 3.409  1.00 24.33 ? 4 DTR A CG  2  
HETATM 151  C CD1 . DTR A 1 4 ? -6.731  -0.269 4.302  1.00 53.12 ? 4 DTR A CD1 2  
HETATM 152  N NE1 . DTR A 1 4 ? -8.002  -0.191 4.833  1.00 44.51 ? 4 DTR A NE1 2  
HETATM 153  C CE2 . DTR A 1 4 ? -8.761  -1.195 4.243  1.00 61.30 ? 4 DTR A CE2 2  
HETATM 154  C CZ2 . DTR A 1 4 ? -10.106 -1.528 4.446  1.00 11.24 ? 4 DTR A CZ2 2  
HETATM 155  C CH2 . DTR A 1 4 ? -10.601 -2.604 3.699  1.00 54.34 ? 4 DTR A CH2 2  
HETATM 156  C CZ3 . DTR A 1 4 ? -9.760  -3.273 2.817  1.00 63.15 ? 4 DTR A CZ3 2  
HETATM 157  C CE3 . DTR A 1 4 ? -8.415  -2.953 2.602  1.00 33.44 ? 4 DTR A CE3 2  
HETATM 158  C CD2 . DTR A 1 4 ? -7.940  -1.870 3.363  1.00 33.21 ? 4 DTR A CD2 2  
HETATM 159  C C   . DTR A 1 4 ? -4.005  -0.734 0.688  1.00 34.03 ? 4 DTR A C   2  
HETATM 160  O O   . DTR A 1 4 ? -4.608  -1.403 -0.151 1.00 11.42 ? 4 DTR A O   2  
HETATM 161  H H   . DTR A 1 4 ? -2.925  -1.072 3.261  1.00 14.13 ? 4 DTR A H   2  
HETATM 162  H HA  . DTR A 1 4 ? -5.199  0.370  2.111  1.00 51.41 ? 4 DTR A HA  2  
HETATM 163  H HB2 . DTR A 1 4 ? -4.779  -2.330 3.217  1.00 42.50 ? 4 DTR A HB2 2  
HETATM 164  H HB3 . DTR A 1 4 ? -5.729  -2.276 1.745  1.00 31.20 ? 4 DTR A HB3 2  
HETATM 165  H HD1 . DTR A 1 4 ? -5.910  0.394  4.576  1.00 51.12 ? 4 DTR A HD1 2  
HETATM 166  H HE1 . DTR A 1 4 ? -8.348  0.527  5.577  1.00 23.44 ? 4 DTR A HE1 2  
HETATM 167  H HZ2 . DTR A 1 4 ? -10.734 -0.980 5.148  1.00 55.23 ? 4 DTR A HZ2 2  
HETATM 168  H HH2 . DTR A 1 4 ? -11.639 -2.915 3.809  1.00 50.45 ? 4 DTR A HH2 2  
HETATM 169  H HZ3 . DTR A 1 4 ? -10.179 -4.106 2.252  1.00 44.04 ? 4 DTR A HZ3 2  
HETATM 170  H HE3 . DTR A 1 4 ? -7.786  -3.502 1.900  1.00 30.31 ? 4 DTR A HE3 2  
ATOM   171  N N   . ASP A 1 5 ? -2.835  -0.154 0.447  1.00 53.35 ? 5 ASP A N   2  
ATOM   172  C CA  . ASP A 1 5 ? -2.175  -0.273 -0.849 1.00 12.11 ? 5 ASP A CA  2  
ATOM   173  C C   . ASP A 1 5 ? -0.724  -0.712 -0.681 1.00 24.13 ? 5 ASP A C   2  
ATOM   174  O O   . ASP A 1 5 ? 0.206   0.091  -0.754 1.00 11.43 ? 5 ASP A O   2  
ATOM   175  C CB  . ASP A 1 5 ? -2.235  1.058  -1.601 1.00 33.14 ? 5 ASP A CB  2  
ATOM   176  C CG  . ASP A 1 5 ? -3.640  1.409  -2.046 1.00 22.52 ? 5 ASP A CG  2  
ATOM   177  O OD1 . ASP A 1 5 ? -4.279  0.567  -2.712 1.00 43.54 ? 5 ASP A OD1 2  
ATOM   178  O OD2 . ASP A 1 5 ? -4.103  2.523  -1.727 1.00 74.33 ? 5 ASP A OD2 2  
ATOM   179  H H   . ASP A 1 5 ? -2.403  0.367  1.157  1.00 3.11  ? 5 ASP A H   2  
ATOM   180  H HA  . ASP A 1 5 ? -2.701  -1.023 -1.421 1.00 21.21 ? 5 ASP A HA  2  
ATOM   181  H HB2 . ASP A 1 5 ? -1.875  1.844  -0.953 1.00 52.55 ? 5 ASP A HB2 2  
ATOM   182  H HB3 . ASP A 1 5 ? -1.603  0.998  -2.474 1.00 44.53 ? 5 ASP A HB3 2  
ATOM   183  N N   . PRO A 1 6 ? -0.524  -2.018 -0.450 1.00 35.15 ? 6 PRO A N   2  
ATOM   184  C CA  . PRO A 1 6 ? 0.813   -2.594 -0.266 1.00 65.13 ? 6 PRO A CA  2  
ATOM   185  C C   . PRO A 1 6 ? 1.624   -2.597 -1.557 1.00 22.13 ? 6 PRO A C   2  
ATOM   186  O O   . PRO A 1 6 ? 2.817   -2.900 -1.550 1.00 33.14 ? 6 PRO A O   2  
ATOM   187  C CB  . PRO A 1 6 ? 0.522   -4.027 0.187  1.00 3.50  ? 6 PRO A CB  2  
ATOM   188  C CG  . PRO A 1 6 ? -0.828  -4.333 -0.365 1.00 50.33 ? 6 PRO A CG  2  
ATOM   189  C CD  . PRO A 1 6 ? -1.585  -3.034 -0.350 1.00 10.12 ? 6 PRO A CD  2  
ATOM   190  H HA  . PRO A 1 6 ? 1.365   -2.076 0.505  1.00 43.31 ? 6 PRO A HA  2  
ATOM   191  H HB2 . PRO A 1 6 ? 1.273   -4.693 -0.213 1.00 1.43  ? 6 PRO A HB2 2  
ATOM   192  H HB3 . PRO A 1 6 ? 0.528   -4.076 1.265  1.00 61.44 ? 6 PRO A HB3 2  
ATOM   193  H HG2 . PRO A 1 6 ? -0.736  -4.701 -1.375 1.00 24.03 ? 6 PRO A HG2 2  
ATOM   194  H HG3 . PRO A 1 6 ? -1.323  -5.062 0.259  1.00 32.04 ? 6 PRO A HG3 2  
ATOM   195  H HD2 . PRO A 1 6 ? -2.254  -2.978 -1.196 1.00 54.44 ? 6 PRO A HD2 2  
ATOM   196  H HD3 . PRO A 1 6 ? -2.134  -2.928 0.574  1.00 1.13  ? 6 PRO A HD3 2  
ATOM   197  N N   . TRP A 1 7 ? 0.971   -2.260 -2.662 1.00 40.13 ? 7 TRP A N   2  
ATOM   198  C CA  . TRP A 1 7 ? 1.633   -2.224 -3.961 1.00 15.11 ? 7 TRP A CA  2  
ATOM   199  C C   . TRP A 1 7 ? 1.767   -0.791 -4.465 1.00 71.24 ? 7 TRP A C   2  
ATOM   200  O O   . TRP A 1 7 ? 2.035   -0.559 -5.644 1.00 65.52 ? 7 TRP A O   2  
ATOM   201  C CB  . TRP A 1 7 ? 0.856   -3.064 -4.976 1.00 12.41 ? 7 TRP A CB  2  
ATOM   202  C CG  . TRP A 1 7 ? 1.654   -3.406 -6.198 1.00 32.15 ? 7 TRP A CG  2  
ATOM   203  C CD1 . TRP A 1 7 ? 1.470   -2.920 -7.460 1.00 42.10 ? 7 TRP A CD1 2  
ATOM   204  C CD2 . TRP A 1 7 ? 2.760   -4.313 -6.273 1.00 14.13 ? 7 TRP A CD2 2  
ATOM   205  N NE1 . TRP A 1 7 ? 2.395   -3.469 -8.316 1.00 73.02 ? 7 TRP A NE1 2  
ATOM   206  C CE2 . TRP A 1 7 ? 3.198   -4.325 -7.611 1.00 13.22 ? 7 TRP A CE2 2  
ATOM   207  C CE3 . TRP A 1 7 ? 3.424   -5.112 -5.339 1.00 1.25  ? 7 TRP A CE3 2  
ATOM   208  C CZ2 . TRP A 1 7 ? 4.269   -5.108 -8.035 1.00 45.31 ? 7 TRP A CZ2 2  
ATOM   209  C CZ3 . TRP A 1 7 ? 4.486   -5.889 -5.762 1.00 55.13 ? 7 TRP A CZ3 2  
ATOM   210  C CH2 . TRP A 1 7 ? 4.901   -5.881 -7.101 1.00 30.32 ? 7 TRP A CH2 2  
ATOM   211  H H   . TRP A 1 7 ? 0.019   -2.029 -2.605 1.00 34.12 ? 7 TRP A H   2  
ATOM   212  H HA  . TRP A 1 7 ? 2.620   -2.644 -3.841 1.00 34.34 ? 7 TRP A HA  2  
ATOM   213  H HB2 . TRP A 1 7 ? 0.548   -3.987 -4.509 1.00 43.20 ? 7 TRP A HB2 2  
ATOM   214  H HB3 . TRP A 1 7 ? -0.019  -2.514 -5.292 1.00 21.03 ? 7 TRP A HB3 2  
ATOM   215  H HD1 . TRP A 1 7 ? 0.704   -2.210 -7.732 1.00 44.34 ? 7 TRP A HD1 2  
ATOM   216  H HE1 . TRP A 1 7 ? 2.468   -3.276 -9.274 1.00 71.24 ? 7 TRP A HE1 2  
ATOM   217  H HE3 . TRP A 1 7 ? 3.120   -5.131 -4.302 1.00 5.41  ? 7 TRP A HE3 2  
ATOM   218  H HZ2 . TRP A 1 7 ? 4.601   -5.113 -9.064 1.00 63.12 ? 7 TRP A HZ2 2  
ATOM   219  H HZ3 . TRP A 1 7 ? 5.012   -6.514 -5.054 1.00 52.25 ? 7 TRP A HZ3 2  
ATOM   220  H HH2 . TRP A 1 7 ? 5.735   -6.503 -7.386 1.00 23.11 ? 7 TRP A HH2 2  
ATOM   221  N N   . CYS A 1 8 ? 1.581   0.168  -3.564 1.00 31.51 ? 8 CYS A N   2  
ATOM   222  C CA  . CYS A 1 8 ? 1.680   1.579  -3.916 1.00 13.52 ? 8 CYS A CA  2  
ATOM   223  C C   . CYS A 1 8 ? 3.101   1.933  -4.345 1.00 2.31  ? 8 CYS A C   2  
ATOM   224  O O   . CYS A 1 8 ? 3.364   2.165  -5.526 1.00 52.05 ? 8 CYS A O   2  
ATOM   225  C CB  . CYS A 1 8 ? 1.261   2.453  -2.733 1.00 21.05 ? 8 CYS A CB  2  
ATOM   226  S SG  . CYS A 1 8 ? 2.460   2.473  -1.362 1.00 74.04 ? 8 CYS A SG  2  
ATOM   227  H H   . CYS A 1 8 ? 1.370   -0.080 -2.638 1.00 71.41 ? 8 CYS A H   2  
ATOM   228  H HA  . CYS A 1 8 ? 1.012   1.762  -4.743 1.00 73.31 ? 8 CYS A HA  2  
ATOM   229  H HB2 . CYS A 1 8 ? 1.135   3.470  -3.073 1.00 70.31 ? 8 CYS A HB2 2  
ATOM   230  H HB3 . CYS A 1 8 ? 0.321   2.090  -2.342 1.00 61.11 ? 8 CYS A HB3 2  
ATOM   231  N N   . GLY A 1 1 ? 4.254   -1.078 1.947  1.00 15.33 ? 1 GLY A N   3  
ATOM   232  C CA  . GLY A 1 1 ? 4.024   0.214  1.328  1.00 51.02 ? 1 GLY A CA  3  
ATOM   233  C C   . GLY A 1 1 ? 2.978   1.030  2.062  1.00 44.31 ? 1 GLY A C   3  
ATOM   234  O O   . GLY A 1 1 ? 3.251   1.598  3.120  1.00 43.44 ? 1 GLY A O   3  
ATOM   235  H H1  . GLY A 1 1 ? 3.594   -1.445 2.571  1.00 12.12 ? 1 GLY A H1  3  
ATOM   236  H HA2 . GLY A 1 1 ? 4.952   0.767  1.316  1.00 35.45 ? 1 GLY A HA2 3  
ATOM   237  H HA3 . GLY A 1 1 ? 3.696   0.061  0.312  1.00 45.41 ? 1 GLY A HA3 3  
ATOM   238  N N   . CYS A 1 2 ? 1.776   1.091  1.498  1.00 22.52 ? 2 CYS A N   3  
ATOM   239  C CA  . CYS A 1 2 ? 0.685   1.844  2.104  1.00 62.50 ? 2 CYS A CA  3  
ATOM   240  C C   . CYS A 1 2 ? -0.425  0.909  2.578  1.00 73.43 ? 2 CYS A C   3  
ATOM   241  O O   . CYS A 1 2 ? -0.594  -0.200 2.073  1.00 44.40 ? 2 CYS A O   3  
ATOM   242  C CB  . CYS A 1 2 ? 0.121   2.857  1.106  1.00 42.32 ? 2 CYS A CB  3  
ATOM   243  S SG  . CYS A 1 2 ? 1.393   3.811  0.215  1.00 31.52 ? 2 CYS A SG  3  
ATOM   244  H H   . CYS A 1 2 ? 1.619   0.617  0.654  1.00 61.30 ? 2 CYS A H   3  
ATOM   245  H HA  . CYS A 1 2 ? 1.079   2.375  2.956  1.00 14.13 ? 2 CYS A HA  3  
ATOM   246  H HB2 . CYS A 1 2 ? -0.471  2.333  0.369  1.00 1.34  ? 2 CYS A HB2 3  
ATOM   247  H HB3 . CYS A 1 2 ? -0.509  3.559  1.632  1.00 22.20 ? 2 CYS A HB3 3  
ATOM   248  N N   . PRO A 1 3 ? -1.200  1.368  3.572  1.00 31.20 ? 3 PRO A N   3  
ATOM   249  C CA  . PRO A 1 3 ? -2.306  0.589  4.136  1.00 60.52 ? 3 PRO A CA  3  
ATOM   250  C C   . PRO A 1 3 ? -3.472  0.448  3.162  1.00 10.41 ? 3 PRO A C   3  
ATOM   251  O O   . PRO A 1 3 ? -4.159  1.433  2.899  1.00 24.24 ? 3 PRO A O   3  
ATOM   252  C CB  . PRO A 1 3 ? -2.729  1.407  5.359  1.00 71.05 ? 3 PRO A CB  3  
ATOM   253  C CG  . PRO A 1 3 ? -2.309  2.802  5.045  1.00 31.45 ? 3 PRO A CG  3  
ATOM   254  C CD  . PRO A 1 3 ? -1.056  2.681  4.222  1.00 44.30 ? 3 PRO A CD  3  
ATOM   255  H HA  . PRO A 1 3 ? -1.982  -0.391 4.452  1.00 44.32 ? 3 PRO A HA  3  
ATOM   256  H HB2 . PRO A 1 3 ? -3.800  1.337  5.490  1.00 25.22 ? 3 PRO A HB2 3  
ATOM   257  H HB3 . PRO A 1 3 ? -2.227  1.033  6.238  1.00 25.20 ? 3 PRO A HB3 3  
ATOM   258  H HG2 . PRO A 1 3 ? -3.081  3.301  4.481  1.00 24.21 ? 3 PRO A HG2 3  
ATOM   259  H HG3 . PRO A 1 3 ? -2.105  3.338  5.960  1.00 22.32 ? 3 PRO A HG3 3  
ATOM   260  H HD2 . PRO A 1 3 ? -1.009  3.471  3.488  1.00 61.25 ? 3 PRO A HD2 3  
ATOM   261  H HD3 . PRO A 1 3 ? -0.183  2.702  4.857  1.00 60.21 ? 3 PRO A HD3 3  
HETATM 262  N N   . DTR A 1 4 ? -3.666  -0.761 2.653  1.00 52.21 ? 4 DTR A N   3  
HETATM 263  C CA  . DTR A 1 4 ? -4.746  -1.013 1.715  1.00 33.13 ? 4 DTR A CA  3  
HETATM 264  C CB  . DTR A 1 4 ? -5.513  -2.282 2.091  1.00 43.43 ? 4 DTR A CB  3  
HETATM 265  C CG  . DTR A 1 4 ? -6.337  -2.154 3.373  1.00 62.22 ? 4 DTR A CG  3  
HETATM 266  C CD1 . DTR A 1 4 ? -6.204  -2.847 4.512  1.00 64.13 ? 4 DTR A CD1 3  
HETATM 267  N NE1 . DTR A 1 4 ? -7.131  -2.453 5.455  1.00 65.31 ? 4 DTR A NE1 3  
HETATM 268  C CE2 . DTR A 1 4 ? -7.904  -1.449 4.884  1.00 44.05 ? 4 DTR A CE2 3  
HETATM 269  C CZ2 . DTR A 1 4 ? -8.972  -0.729 5.433  1.00 32.11 ? 4 DTR A CZ2 3  
HETATM 270  C CH2 . DTR A 1 4 ? -9.563  0.235  4.607  1.00 0.12  ? 4 DTR A CH2 3  
HETATM 271  C CZ3 . DTR A 1 4 ? -9.079  0.428  3.318  1.00 4.24  ? 4 DTR A CZ3 3  
HETATM 272  C CE3 . DTR A 1 4 ? -8.014  -0.284 2.755  1.00 2.34  ? 4 DTR A CE3 3  
HETATM 273  C CD2 . DTR A 1 4 ? -7.435  -1.246 3.603  1.00 4.11  ? 4 DTR A CD2 3  
HETATM 274  C C   . DTR A 1 4 ? -4.147  -1.071 0.308  1.00 15.40 ? 4 DTR A C   3  
HETATM 275  O O   . DTR A 1 4 ? -4.679  -1.705 -0.602 1.00 3.24  ? 4 DTR A O   3  
HETATM 276  H H   . DTR A 1 4 ? -3.102  -1.557 2.873  1.00 51.32 ? 4 DTR A H   3  
HETATM 277  H HA  . DTR A 1 4 ? -5.449  -0.184 1.786  1.00 51.02 ? 4 DTR A HA  3  
HETATM 278  H HB2 . DTR A 1 4 ? -4.804  -3.102 2.206  1.00 32.52 ? 4 DTR A HB2 3  
HETATM 279  H HB3 . DTR A 1 4 ? -6.178  -2.549 1.269  1.00 52.20 ? 4 DTR A HB3 3  
HETATM 280  H HD1 . DTR A 1 4 ? -5.457  -3.624 4.674  1.00 12.13 ? 4 DTR A HD1 3  
HETATM 281  H HE1 . DTR A 1 4 ? -7.239  -2.857 6.462  1.00 70.25 ? 4 DTR A HE1 3  
HETATM 282  H HZ2 . DTR A 1 4 ? -9.324  -0.908 6.448  1.00 32.34 ? 4 DTR A HZ2 3  
HETATM 283  H HH2 . DTR A 1 4 ? -10.399 0.831  4.972  1.00 61.20 ? 4 DTR A HH2 3  
HETATM 284  H HZ3 . DTR A 1 4 ? -9.564  1.185  2.703  1.00 51.35 ? 4 DTR A HZ3 3  
HETATM 285  H HE3 . DTR A 1 4 ? -7.661  -0.105 1.738  1.00 21.42 ? 4 DTR A HE3 3  
ATOM   286  N N   . ASP A 1 5 ? -3.017  -0.390 0.151  1.00 75.31 ? 5 ASP A N   3  
ATOM   287  C CA  . ASP A 1 5 ? -2.322  -0.348 -1.130 1.00 40.31 ? 5 ASP A CA  3  
ATOM   288  C C   . ASP A 1 5 ? -0.847  -0.697 -0.960 1.00 53.31 ? 5 ASP A C   3  
ATOM   289  O O   . ASP A 1 5 ? 0.024   0.173  -0.936 1.00 52.25 ? 5 ASP A O   3  
ATOM   290  C CB  . ASP A 1 5 ? -2.461  1.037  -1.765 1.00 54.32 ? 5 ASP A CB  3  
ATOM   291  C CG  . ASP A 1 5 ? -2.050  1.048  -3.224 1.00 70.45 ? 5 ASP A CG  3  
ATOM   292  O OD1 . ASP A 1 5 ? -1.615  -0.008 -3.727 1.00 64.50 ? 5 ASP A OD1 3  
ATOM   293  O OD2 . ASP A 1 5 ? -2.163  2.116  -3.864 1.00 0.42  ? 5 ASP A OD2 3  
ATOM   294  H H   . ASP A 1 5 ? -2.641  0.096  0.915  1.00 11.22 ? 5 ASP A H   3  
ATOM   295  H HA  . ASP A 1 5 ? -2.779  -1.078 -1.780 1.00 32.25 ? 5 ASP A HA  3  
ATOM   296  H HB2 . ASP A 1 5 ? -3.491  1.355  -1.697 1.00 3.52  ? 5 ASP A HB2 3  
ATOM   297  H HB3 . ASP A 1 5 ? -1.836  1.736  -1.228 1.00 3.23  ? 5 ASP A HB3 3  
ATOM   298  N N   . PRO A 1 6 ? -0.557  -2.001 -0.837 1.00 23.50 ? 6 PRO A N   3  
ATOM   299  C CA  . PRO A 1 6 ? 0.812   -2.495 -0.665 1.00 0.25  ? 6 PRO A CA  3  
ATOM   300  C C   . PRO A 1 6 ? 1.651   -2.328 -1.928 1.00 62.22 ? 6 PRO A C   3  
ATOM   301  O O   . PRO A 1 6 ? 2.863   -2.546 -1.913 1.00 74.23 ? 6 PRO A O   3  
ATOM   302  C CB  . PRO A 1 6 ? 0.616   -3.980 -0.346 1.00 53.54 ? 6 PRO A CB  3  
ATOM   303  C CG  . PRO A 1 6 ? -0.695  -4.329 -0.961 1.00 41.52 ? 6 PRO A CG  3  
ATOM   304  C CD  . PRO A 1 6 ? -1.544  -3.093 -0.855 1.00 4.22  ? 6 PRO A CD  3  
ATOM   305  H HA  . PRO A 1 6 ? 1.309   -2.010 0.162  1.00 72.14 ? 6 PRO A HA  3  
ATOM   306  H HB2 . PRO A 1 6 ? 1.423   -4.553 -0.781 1.00 25.34 ? 6 PRO A HB2 3  
ATOM   307  H HB3 . PRO A 1 6 ? 0.601   -4.123 0.723  1.00 13.21 ? 6 PRO A HB3 3  
ATOM   308  H HG2 . PRO A 1 6 ? -0.555  -4.600 -1.996 1.00 11.42 ? 6 PRO A HG2 3  
ATOM   309  H HG3 . PRO A 1 6 ? -1.149  -5.143 -0.417 1.00 23.55 ? 6 PRO A HG3 3  
ATOM   310  H HD2 . PRO A 1 6 ? -2.196  -3.009 -1.713 1.00 0.12  ? 6 PRO A HD2 3  
ATOM   311  H HD3 . PRO A 1 6 ? -2.120  -3.108 0.059  1.00 43.44 ? 6 PRO A HD3 3  
ATOM   312  N N   . TRP A 1 7 ? 1.000   -1.941 -3.018 1.00 25.11 ? 7 TRP A N   3  
ATOM   313  C CA  . TRP A 1 7 ? 1.687   -1.745 -4.289 1.00 42.25 ? 7 TRP A CA  3  
ATOM   314  C C   . TRP A 1 7 ? 1.727   -0.266 -4.663 1.00 4.41  ? 7 TRP A C   3  
ATOM   315  O O   . TRP A 1 7 ? 2.002   0.086  -5.811 1.00 53.50 ? 7 TRP A O   3  
ATOM   316  C CB  . TRP A 1 7 ? 0.995   -2.544 -5.395 1.00 51.33 ? 7 TRP A CB  3  
ATOM   317  C CG  . TRP A 1 7 ? 1.614   -3.889 -5.631 1.00 45.12 ? 7 TRP A CG  3  
ATOM   318  C CD1 . TRP A 1 7 ? 0.981   -5.099 -5.602 1.00 54.13 ? 7 TRP A CD1 3  
ATOM   319  C CD2 . TRP A 1 7 ? 2.988   -4.160 -5.930 1.00 43.04 ? 7 TRP A CD2 3  
ATOM   320  N NE1 . TRP A 1 7 ? 1.879   -6.106 -5.864 1.00 41.25 ? 7 TRP A NE1 3  
ATOM   321  C CE2 . TRP A 1 7 ? 3.116   -5.556 -6.070 1.00 53.44 ? 7 TRP A CE2 3  
ATOM   322  C CE3 . TRP A 1 7 ? 4.121   -3.358 -6.095 1.00 10.44 ? 7 TRP A CE3 3  
ATOM   323  C CZ2 . TRP A 1 7 ? 4.334   -6.165 -6.366 1.00 61.35 ? 7 TRP A CZ2 3  
ATOM   324  C CZ3 . TRP A 1 7 ? 5.327   -3.965 -6.389 1.00 14.33 ? 7 TRP A CZ3 3  
ATOM   325  C CH2 . TRP A 1 7 ? 5.426   -5.356 -6.523 1.00 13.43 ? 7 TRP A CH2 3  
ATOM   326  H H   . TRP A 1 7 ? 0.033   -1.783 -2.968 1.00 21.01 ? 7 TRP A H   3  
ATOM   327  H HA  . TRP A 1 7 ? 2.699   -2.103 -4.177 1.00 1.22  ? 7 TRP A HA  3  
ATOM   328  H HB2 . TRP A 1 7 ? -0.040  -2.695 -5.129 1.00 20.44 ? 7 TRP A HB2 3  
ATOM   329  H HB3 . TRP A 1 7 ? 1.047   -1.986 -6.319 1.00 43.35 ? 7 TRP A HB3 3  
ATOM   330  H HD1 . TRP A 1 7 ? -0.071  -5.230 -5.398 1.00 52.32 ? 7 TRP A HD1 3  
ATOM   331  H HE1 . TRP A 1 7 ? 1.667   -7.062 -5.900 1.00 71.55 ? 7 TRP A HE1 3  
ATOM   332  H HE3 . TRP A 1 7 ? 4.065   -2.285 -5.997 1.00 14.03 ? 7 TRP A HE3 3  
ATOM   333  H HZ2 . TRP A 1 7 ? 4.424   -7.235 -6.473 1.00 13.54 ? 7 TRP A HZ2 3  
ATOM   334  H HZ3 . TRP A 1 7 ? 6.215   -3.362 -6.520 1.00 35.31 ? 7 TRP A HZ3 3  
ATOM   335  H HH2 . TRP A 1 7 ? 6.388   -5.786 -6.752 1.00 11.25 ? 7 TRP A HH2 3  
ATOM   336  N N   . CYS A 1 8 ? 1.452   0.593  -3.690 1.00 74.31 ? 8 CYS A N   3  
ATOM   337  C CA  . CYS A 1 8 ? 1.456   2.034  -3.915 1.00 43.42 ? 8 CYS A CA  3  
ATOM   338  C C   . CYS A 1 8 ? 2.857   2.524  -4.272 1.00 32.42 ? 8 CYS A C   3  
ATOM   339  O O   . CYS A 1 8 ? 3.213   2.616  -5.447 1.00 70.51 ? 8 CYS A O   3  
ATOM   340  C CB  . CYS A 1 8 ? 0.947   2.768  -2.674 1.00 61.33 ? 8 CYS A CB  3  
ATOM   341  S SG  . CYS A 1 8 ? 2.111   2.753  -1.272 1.00 42.04 ? 8 CYS A SG  3  
ATOM   342  H H   . CYS A 1 8 ? 1.239   0.251  -2.794 1.00 43.44 ? 8 CYS A H   3  
ATOM   343  H HA  . CYS A 1 8 ? 0.795   2.242  -4.743 1.00 42.23 ? 8 CYS A HA  3  
ATOM   344  H HB2 . CYS A 1 8 ? 0.754   3.800  -2.930 1.00 14.04 ? 8 CYS A HB2 3  
ATOM   345  H HB3 . CYS A 1 8 ? 0.029   2.307  -2.344 1.00 63.44 ? 8 CYS A HB3 3  
ATOM   346  N N   . GLY A 1 1 ? 5.281   -0.366 1.887  1.00 73.14 ? 1 GLY A N   4  
ATOM   347  C CA  . GLY A 1 1 ? 4.296   0.269  1.031  1.00 44.15 ? 1 GLY A CA  4  
ATOM   348  C C   . GLY A 1 1 ? 3.320   1.129  1.808  1.00 32.51 ? 1 GLY A C   4  
ATOM   349  O O   . GLY A 1 1 ? 3.680   1.729  2.822  1.00 65.02 ? 1 GLY A O   4  
ATOM   350  H H1  . GLY A 1 1 ? 5.382   -0.070 2.816  1.00 12.25 ? 1 GLY A H1  4  
ATOM   351  H HA2 . GLY A 1 1 ? 4.808   0.888  0.309  1.00 64.13 ? 1 GLY A HA2 4  
ATOM   352  H HA3 . GLY A 1 1 ? 3.744   -0.497 0.507  1.00 62.35 ? 1 GLY A HA3 4  
ATOM   353  N N   . CYS A 1 2 ? 2.080   1.191  1.334  1.00 64.03 ? 2 CYS A N   4  
ATOM   354  C CA  . CYS A 1 2 ? 1.048   1.986  1.990  1.00 10.05 ? 2 CYS A CA  4  
ATOM   355  C C   . CYS A 1 2 ? -0.036  1.088  2.579  1.00 71.14 ? 2 CYS A C   4  
ATOM   356  O O   . CYS A 1 2 ? -0.260  -0.035 2.129  1.00 13.03 ? 2 CYS A O   4  
ATOM   357  C CB  . CYS A 1 2 ? 0.428   2.973  0.999  1.00 23.45 ? 2 CYS A CB  4  
ATOM   358  S SG  . CYS A 1 2 ? 1.644   3.871  -0.017 1.00 22.41 ? 2 CYS A SG  4  
ATOM   359  H H   . CYS A 1 2 ? 1.853   0.690  0.522  1.00 52.24 ? 2 CYS A H   4  
ATOM   360  H HA  . CYS A 1 2 ? 1.516   2.539  2.791  1.00 65.53 ? 2 CYS A HA  4  
ATOM   361  H HB2 . CYS A 1 2 ? -0.225  2.433  0.328  1.00 71.15 ? 2 CYS A HB2 4  
ATOM   362  H HB3 . CYS A 1 2 ? -0.150  3.703  1.545  1.00 42.42 ? 2 CYS A HB3 4  
ATOM   363  N N   . PRO A 1 3 ? -0.728  1.596  3.611  1.00 43.51 ? 3 PRO A N   4  
ATOM   364  C CA  . PRO A 1 3 ? -1.801  0.859  4.284  1.00 44.24 ? 3 PRO A CA  4  
ATOM   365  C C   . PRO A 1 3 ? -3.037  0.703  3.403  1.00 73.22 ? 3 PRO A C   4  
ATOM   366  O O   . PRO A 1 3 ? -3.727  1.691  3.156  1.00 5.42  ? 3 PRO A O   4  
ATOM   367  C CB  . PRO A 1 3 ? -2.119  1.728  5.503  1.00 40.50 ? 3 PRO A CB  4  
ATOM   368  C CG  . PRO A 1 3 ? -1.701  3.102  5.108  1.00 52.24 ? 3 PRO A CG  4  
ATOM   369  C CD  . PRO A 1 3 ? -0.515  2.930  4.199  1.00 62.50 ? 3 PRO A CD  4  
ATOM   370  H HA  . PRO A 1 3 ? -1.469  -0.116 4.611  1.00 40.43 ? 3 PRO A HA  4  
ATOM   371  H HB2 . PRO A 1 3 ? -3.177  1.681  5.715  1.00 62.01 ? 3 PRO A HB2 4  
ATOM   372  H HB3 . PRO A 1 3 ? -1.559  1.375  6.356  1.00 72.33 ? 3 PRO A HB3 4  
ATOM   373  H HG2 . PRO A 1 3 ? -2.507  3.594  4.584  1.00 52.54 ? 3 PRO A HG2 4  
ATOM   374  H HG3 . PRO A 1 3 ? -1.421  3.667  5.985  1.00 43.14 ? 3 PRO A HG3 4  
ATOM   375  H HD2 . PRO A 1 3 ? -0.512  3.693  3.434  1.00 12.35 ? 3 PRO A HD2 4  
ATOM   376  H HD3 . PRO A 1 3 ? 0.402   2.958  4.766  1.00 34.13 ? 3 PRO A HD3 4  
HETATM 377  N N   . DTR A 1 4 ? -3.288  -0.519 2.958  1.00 44.33 ? 4 DTR A N   4  
HETATM 378  C CA  . DTR A 1 4 ? -4.439  -0.785 2.112  1.00 72.42 ? 4 DTR A CA  4  
HETATM 379  C CB  . DTR A 1 4 ? -5.197  -2.025 2.591  1.00 42.40 ? 4 DTR A CB  4  
HETATM 380  C CG  . DTR A 1 4 ? -6.349  -1.719 3.549  1.00 2.34  ? 4 DTR A CG  4  
HETATM 381  C CD1 . DTR A 1 4 ? -6.277  -1.352 4.835  1.00 73.02 ? 4 DTR A CD1 4  
HETATM 382  N NE1 . DTR A 1 4 ? -7.531  -1.163 5.379  1.00 43.41 ? 4 DTR A NE1 4  
HETATM 383  C CE2 . DTR A 1 4 ? -8.461  -1.426 4.379  1.00 61.41 ? 4 DTR A CE2 4  
HETATM 384  C CZ2 . DTR A 1 4 ? -9.859  -1.374 4.430  1.00 20.31 ? 4 DTR A CZ2 4  
HETATM 385  C CH2 . DTR A 1 4 ? -10.537 -1.696 3.249  1.00 1.21  ? 4 DTR A CH2 4  
HETATM 386  C CZ3 . DTR A 1 4 ? -9.815  -2.042 2.112  1.00 34.52 ? 4 DTR A CZ3 4  
HETATM 387  C CE3 . DTR A 1 4 ? -8.418  -2.098 2.045  1.00 24.31 ? 4 DTR A CE3 4  
HETATM 388  C CD2 . DTR A 1 4 ? -7.759  -1.771 3.243  1.00 14.31 ? 4 DTR A CD2 4  
HETATM 389  C C   . DTR A 1 4 ? -3.948  -0.905 0.668  1.00 52.20 ? 4 DTR A C   4  
HETATM 390  O O   . DTR A 1 4 ? -4.557  -1.561 -0.177 1.00 30.03 ? 4 DTR A O   4  
HETATM 391  H H   . DTR A 1 4 ? -2.722  -1.317 3.165  1.00 64.03 ? 4 DTR A H   4  
HETATM 392  H HA  . DTR A 1 4 ? -5.122  0.059  2.204  1.00 25.41 ? 4 DTR A HA  4  
HETATM 393  H HB2 . DTR A 1 4 ? -4.496  -2.698 3.085  1.00 2.42  ? 4 DTR A HB2 4  
HETATM 394  H HB3 . DTR A 1 4 ? -5.589  -2.556 1.723  1.00 61.24 ? 4 DTR A HB3 4  
HETATM 395  H HD1 . DTR A 1 4 ? -5.345  -1.218 5.384  1.00 12.44 ? 4 DTR A HD1 4  
HETATM 396  H HE1 . DTR A 1 4 ? -7.752  -0.863 6.403  1.00 73.32 ? 4 DTR A HE1 4  
HETATM 397  H HZ2 . DTR A 1 4 ? -10.391 -1.099 5.342  1.00 43.30 ? 4 DTR A HZ2 4  
HETATM 398  H HH2 . DTR A 1 4 ? -11.627 -1.677 3.220  1.00 53.33 ? 4 DTR A HH2 4  
HETATM 399  H HZ3 . DTR A 1 4 ? -10.376 -2.287 1.210  1.00 74.13 ? 4 DTR A HZ3 4  
HETATM 400  H HE3 . DTR A 1 4 ? -7.886  -2.374 1.134  1.00 0.12  ? 4 DTR A HE3 4  
ATOM   401  N N   . ASP A 1 5 ? -2.822  -0.251 0.402  1.00 25.21 ? 5 ASP A N   4  
ATOM   402  C CA  . ASP A 1 5 ? -2.224  -0.269 -0.928 1.00 41.14 ? 5 ASP A CA  4  
ATOM   403  C C   . ASP A 1 5 ? -0.746  -0.638 -0.854 1.00 10.12 ? 5 ASP A C   4  
ATOM   404  O O   . ASP A 1 5 ? 0.137   0.217  -0.927 1.00 4.13  ? 5 ASP A O   4  
ATOM   405  C CB  . ASP A 1 5 ? -2.389  1.095  -1.602 1.00 22.11 ? 5 ASP A CB  4  
ATOM   406  C CG  . ASP A 1 5 ? -3.826  1.575  -1.593 1.00 21.20 ? 5 ASP A CG  4  
ATOM   407  O OD1 . ASP A 1 5 ? -4.575  1.219  -2.527 1.00 73.54 ? 5 ASP A OD1 4  
ATOM   408  O OD2 . ASP A 1 5 ? -4.203  2.306  -0.653 1.00 73.13 ? 5 ASP A OD2 4  
ATOM   409  H H   . ASP A 1 5 ? -2.382  0.254  1.118  1.00 60.33 ? 5 ASP A H   4  
ATOM   410  H HA  . ASP A 1 5 ? -2.740  -1.014 -1.513 1.00 41.32 ? 5 ASP A HA  4  
ATOM   411  H HB2 . ASP A 1 5 ? -1.783  1.822  -1.082 1.00 72.13 ? 5 ASP A HB2 4  
ATOM   412  H HB3 . ASP A 1 5 ? -2.058  1.023  -2.628 1.00 54.01 ? 5 ASP A HB3 4  
ATOM   413  N N   . PRO A 1 6 ? -0.468  -1.942 -0.705 1.00 33.25 ? 6 PRO A N   4  
ATOM   414  C CA  . PRO A 1 6 ? 0.902   -2.455 -0.617 1.00 50.25 ? 6 PRO A CA  4  
ATOM   415  C C   . PRO A 1 6 ? 1.647   -2.347 -1.943 1.00 10.33 ? 6 PRO A C   4  
ATOM   416  O O   . PRO A 1 6 ? 2.853   -2.586 -2.009 1.00 3.43  ? 6 PRO A O   4  
ATOM   417  C CB  . PRO A 1 6 ? 0.708   -3.923 -0.230 1.00 52.23 ? 6 PRO A CB  4  
ATOM   418  C CG  . PRO A 1 6 ? -0.651  -4.270 -0.733 1.00 10.23 ? 6 PRO A CG  4  
ATOM   419  C CD  . PRO A 1 6 ? -1.471  -3.017 -0.610 1.00 54.15 ? 6 PRO A CD  4  
ATOM   420  H HA  . PRO A 1 6 ? 1.466   -1.949 0.153  1.00 14.22 ? 6 PRO A HA  4  
ATOM   421  H HB2 . PRO A 1 6 ? 1.472   -4.526 -0.701 1.00 61.31 ? 6 PRO A HB2 4  
ATOM   422  H HB3 . PRO A 1 6 ? 0.771   -4.027 0.843  1.00 22.41 ? 6 PRO A HB3 4  
ATOM   423  H HG2 . PRO A 1 6 ? -0.592  -4.580 -1.765 1.00 0.33  ? 6 PRO A HG2 4  
ATOM   424  H HG3 . PRO A 1 6 ? -1.075  -5.057 -0.127 1.00 72.52 ? 6 PRO A HG3 4  
ATOM   425  H HD2 . PRO A 1 6 ? -2.184  -2.950 -1.419 1.00 1.42  ? 6 PRO A HD2 4  
ATOM   426  H HD3 . PRO A 1 6 ? -1.977  -2.988 0.343  1.00 12.11 ? 6 PRO A HD3 4  
ATOM   427  N N   . TRP A 1 7 ? 0.922   -1.987 -2.996 1.00 51.01 ? 7 TRP A N   4  
ATOM   428  C CA  . TRP A 1 7 ? 1.516   -1.848 -4.320 1.00 44.23 ? 7 TRP A CA  4  
ATOM   429  C C   . TRP A 1 7 ? 1.550   -0.386 -4.751 1.00 45.33 ? 7 TRP A C   4  
ATOM   430  O O   . TRP A 1 7 ? 1.745   -0.079 -5.928 1.00 44.33 ? 7 TRP A O   4  
ATOM   431  C CB  . TRP A 1 7 ? 0.733   -2.676 -5.342 1.00 55.21 ? 7 TRP A CB  4  
ATOM   432  C CG  . TRP A 1 7 ? 1.609   -3.507 -6.230 1.00 71.21 ? 7 TRP A CG  4  
ATOM   433  C CD1 . TRP A 1 7 ? 1.632   -3.502 -7.596 1.00 30.32 ? 7 TRP A CD1 4  
ATOM   434  C CD2 . TRP A 1 7 ? 2.587   -4.465 -5.813 1.00 4.55  ? 7 TRP A CD2 4  
ATOM   435  N NE1 . TRP A 1 7 ? 2.565   -4.401 -8.053 1.00 51.44 ? 7 TRP A NE1 4  
ATOM   436  C CE2 . TRP A 1 7 ? 3.166   -5.003 -6.980 1.00 41.10 ? 7 TRP A CE2 4  
ATOM   437  C CE3 . TRP A 1 7 ? 3.033   -4.920 -4.569 1.00 63.10 ? 7 TRP A CE3 4  
ATOM   438  C CZ2 . TRP A 1 7 ? 4.164   -5.972 -6.936 1.00 31.35 ? 7 TRP A CZ2 4  
ATOM   439  C CZ3 . TRP A 1 7 ? 4.024   -5.883 -4.527 1.00 42.44 ? 7 TRP A CZ3 4  
ATOM   440  C CH2 . TRP A 1 7 ? 4.581   -6.399 -5.704 1.00 4.14  ? 7 TRP A CH2 4  
ATOM   441  H H   . TRP A 1 7 ? -0.035  -1.811 -2.880 1.00 54.34 ? 7 TRP A H   4  
ATOM   442  H HA  . TRP A 1 7 ? 2.529   -2.220 -4.270 1.00 24.23 ? 7 TRP A HA  4  
ATOM   443  H HB2 . TRP A 1 7 ? 0.062   -3.340 -4.819 1.00 23.21 ? 7 TRP A HB2 4  
ATOM   444  H HB3 . TRP A 1 7 ? 0.158   -2.009 -5.969 1.00 54.10 ? 7 TRP A HB3 4  
ATOM   445  H HD1 . TRP A 1 7 ? 1.001   -2.880 -8.211 1.00 4.23  ? 7 TRP A HD1 4  
ATOM   446  H HE1 . TRP A 1 7 ? 2.769   -4.578 -8.996 1.00 14.05 ? 7 TRP A HE1 4  
ATOM   447  H HE3 . TRP A 1 7 ? 2.616   -4.533 -3.651 1.00 42.14 ? 7 TRP A HE3 4  
ATOM   448  H HZ2 . TRP A 1 7 ? 4.605   -6.381 -7.834 1.00 53.13 ? 7 TRP A HZ2 4  
ATOM   449  H HZ3 . TRP A 1 7 ? 4.380   -6.246 -3.575 1.00 15.30 ? 7 TRP A HZ3 4  
ATOM   450  H HH2 . TRP A 1 7 ? 5.352   -7.150 -5.624 1.00 51.13 ? 7 TRP A HH2 4  
ATOM   451  N N   . CYS A 1 8 ? 1.359   0.513  -3.793 1.00 74.00 ? 8 CYS A N   4  
ATOM   452  C CA  . CYS A 1 8 ? 1.367   1.944  -4.072 1.00 50.25 ? 8 CYS A CA  4  
ATOM   453  C C   . CYS A 1 8 ? 2.744   2.397  -4.551 1.00 1.33  ? 8 CYS A C   4  
ATOM   454  O O   . CYS A 1 8 ? 3.768   1.881  -4.103 1.00 2.34  ? 8 CYS A O   4  
ATOM   455  C CB  . CYS A 1 8 ? 0.965   2.731  -2.824 1.00 54.22 ? 8 CYS A CB  4  
ATOM   456  S SG  . CYS A 1 8 ? 2.232   2.747  -1.515 1.00 72.30 ? 8 CYS A SG  4  
ATOM   457  H H   . CYS A 1 8 ? 1.208   0.208  -2.872 1.00 0.21  ? 8 CYS A H   4  
ATOM   458  H HA  . CYS A 1 8 ? 0.648   2.134  -4.854 1.00 13.12 ? 8 CYS A HA  4  
ATOM   459  H HB2 . CYS A 1 8 ? 0.769   3.757  -3.102 1.00 33.01 ? 8 CYS A HB2 4  
ATOM   460  H HB3 . CYS A 1 8 ? 0.067   2.300  -2.408 1.00 23.05 ? 8 CYS A HB3 4  
ATOM   461  N N   . GLY A 1 1 ? 4.887   -0.996 2.588  1.00 34.30 ? 1 GLY A N   5  
ATOM   462  C CA  . GLY A 1 1 ? 3.821   -0.555 1.708  1.00 64.14 ? 1 GLY A CA  5  
ATOM   463  C C   . GLY A 1 1 ? 2.898   0.448  2.371  1.00 51.02 ? 1 GLY A C   5  
ATOM   464  O O   . GLY A 1 1 ? 3.187   0.943  3.462  1.00 3.52  ? 1 GLY A O   5  
ATOM   465  H H1  . GLY A 1 1 ? 4.970   -0.610 3.486  1.00 65.10 ? 1 GLY A H1  5  
ATOM   466  H HA2 . GLY A 1 1 ? 4.258   -0.102 0.831  1.00 65.04 ? 1 GLY A HA2 5  
ATOM   467  H HA3 . GLY A 1 1 ? 3.241   -1.415 1.406  1.00 50.03 ? 1 GLY A HA3 5  
ATOM   468  N N   . CYS A 1 2 ? 1.785   0.751  1.713  1.00 42.15 ? 2 CYS A N   5  
ATOM   469  C CA  . CYS A 1 2 ? 0.817   1.705  2.243  1.00 10.35 ? 2 CYS A CA  5  
ATOM   470  C C   . CYS A 1 2 ? -0.490  1.006  2.607  1.00 61.41 ? 2 CYS A C   5  
ATOM   471  O O   . CYS A 1 2 ? -0.832  -0.047 2.067  1.00 54.44 ? 2 CYS A O   5  
ATOM   472  C CB  . CYS A 1 2 ? 0.550   2.812  1.223  1.00 54.12 ? 2 CYS A CB  5  
ATOM   473  S SG  . CYS A 1 2 ? 2.055   3.500  0.460  1.00 51.02 ? 2 CYS A SG  5  
ATOM   474  H H   . CYS A 1 2 ? 1.609   0.325  0.847  1.00 20.04 ? 2 CYS A H   5  
ATOM   475  H HA  . CYS A 1 2 ? 1.238   2.142  3.136  1.00 23.11 ? 2 CYS A HA  5  
ATOM   476  H HB2 . CYS A 1 2 ? -0.070  2.420  0.430  1.00 24.13 ? 2 CYS A HB2 5  
ATOM   477  H HB3 . CYS A 1 2 ? 0.029   3.623  1.712  1.00 72.32 ? 2 CYS A HB3 5  
ATOM   478  N N   . PRO A 1 3 ? -1.239  1.605  3.545  1.00 64.12 ? 3 PRO A N   5  
ATOM   479  C CA  . PRO A 1 3 ? -2.521  1.059  4.001  1.00 61.34 ? 3 PRO A CA  5  
ATOM   480  C C   . PRO A 1 3 ? -3.605  1.155  2.933  1.00 43.05 ? 3 PRO A C   5  
ATOM   481  O O   . PRO A 1 3 ? -4.061  2.259  2.635  1.00 10.45 ? 3 PRO A O   5  
ATOM   482  C CB  . PRO A 1 3 ? -2.874  1.939  5.202  1.00 51.14 ? 3 PRO A CB  5  
ATOM   483  C CG  . PRO A 1 3 ? -2.161  3.224  4.952  1.00 64.32 ? 3 PRO A CG  5  
ATOM   484  C CD  . PRO A 1 3 ? -0.893  2.861  4.230  1.00 72.41 ? 3 PRO A CD  5  
ATOM   485  H HA  . PRO A 1 3 ? -2.423  0.033  4.321  1.00 21.43 ? 3 PRO A HA  5  
ATOM   486  H HB2 . PRO A 1 3 ? -3.945  2.083  5.244  1.00 33.13 ? 3 PRO A HB2 5  
ATOM   487  H HB3 . PRO A 1 3 ? -2.531  1.469  6.111  1.00 71.13 ? 3 PRO A HB3 5  
ATOM   488  H HG2 . PRO A 1 3 ? -2.771  3.869  4.337  1.00 34.41 ? 3 PRO A HG2 5  
ATOM   489  H HG3 . PRO A 1 3 ? -1.933  3.706  5.891  1.00 31.34 ? 3 PRO A HG3 5  
ATOM   490  H HD2 . PRO A 1 3 ? -0.631  3.630  3.519  1.00 11.42 ? 3 PRO A HD2 5  
ATOM   491  H HD3 . PRO A 1 3 ? -0.090  2.706  4.935  1.00 15.50 ? 3 PRO A HD3 5  
HETATM 492  N N   . DTR A 1 4 ? -3.992  0.012  2.387  1.00 44.14 ? 4 DTR A N   5  
HETATM 493  C CA  . DTR A 1 4 ? -5.019  -0.017 1.359  1.00 40.30 ? 4 DTR A CA  5  
HETATM 494  C CB  . DTR A 1 4 ? -6.050  -1.110 1.646  1.00 64.14 ? 4 DTR A CB  5  
HETATM 495  C CG  . DTR A 1 4 ? -6.760  -0.957 2.992  1.00 65.53 ? 4 DTR A CG  5  
HETATM 496  C CD1 . DTR A 1 4 ? -7.045  0.174  3.651  1.00 33.35 ? 4 DTR A CD1 5  
HETATM 497  N NE1 . DTR A 1 4 ? -7.695  -0.084 4.841  1.00 64.44 ? 4 DTR A NE1 5  
HETATM 498  C CE2 . DTR A 1 4 ? -7.837  -1.462 4.948  1.00 15.23 ? 4 DTR A CE2 5  
HETATM 499  C CZ2 . DTR A 1 4 ? -8.427  -2.219 5.967  1.00 14.03 ? 4 DTR A CZ2 5  
HETATM 500  C CH2 . DTR A 1 4 ? -8.419  -3.609 5.795  1.00 52.20 ? 4 DTR A CH2 5  
HETATM 501  C CZ3 . DTR A 1 4 ? -7.842  -4.159 4.656  1.00 63.15 ? 4 DTR A CZ3 5  
HETATM 502  C CE3 . DTR A 1 4 ? -7.249  -3.416 3.627  1.00 32.42 ? 4 DTR A CE3 5  
HETATM 503  C CD2 . DTR A 1 4 ? -7.269  -2.023 3.822  1.00 1.11  ? 4 DTR A CD2 5  
HETATM 504  C C   . DTR A 1 4 ? -4.328  -0.188 0.005  1.00 0.22  ? 4 DTR A C   5  
HETATM 505  O O   . DTR A 1 4 ? -4.899  -0.699 -0.959 1.00 32.34 ? 4 DTR A O   5  
HETATM 506  H H   . DTR A 1 4 ? -3.617  -0.881 2.635  1.00 40.20 ? 4 DTR A H   5  
HETATM 507  H HA  . DTR A 1 4 ? -5.548  0.936  1.391  1.00 5.13  ? 4 DTR A HA  5  
HETATM 508  H HB2 . DTR A 1 4 ? -5.555  -2.080 1.616  1.00 40.23 ? 4 DTR A HB2 5  
HETATM 509  H HB3 . DTR A 1 4 ? -6.796  -1.108 0.851  1.00 63.30 ? 4 DTR A HB3 5  
HETATM 510  H HD1 . DTR A 1 4 ? -6.794  1.173  3.294  1.00 2.23  ? 4 DTR A HD1 5  
HETATM 511  H HE1 . DTR A 1 4 ? -8.037  0.657  5.564  1.00 63.24 ? 4 DTR A HE1 5  
HETATM 512  H HZ2 . DTR A 1 4 ? -8.868  -1.752 6.848  1.00 44.44 ? 4 DTR A HZ2 5  
HETATM 513  H HH2 . DTR A 1 4 ? -8.862  -4.257 6.551  1.00 34.33 ? 4 DTR A HH2 5  
HETATM 514  H HZ3 . DTR A 1 4 ? -7.854  -5.244 4.555  1.00 41.22 ? 4 DTR A HZ3 5  
HETATM 515  H HE3 . DTR A 1 4 ? -6.807  -3.883 2.748  1.00 41.42 ? 4 DTR A HE3 5  
ATOM   516  N N   . ASP A 1 5 ? -3.077  0.256  -0.047 1.00 1.42  ? 5 ASP A N   5  
ATOM   517  C CA  . ASP A 1 5 ? -2.283  0.164  -1.266 1.00 42.22 ? 5 ASP A CA  5  
ATOM   518  C C   . ASP A 1 5 ? -0.925  -0.470 -0.984 1.00 43.41 ? 5 ASP A C   5  
ATOM   519  O O   . ASP A 1 5 ? 0.095   0.211  -0.874 1.00 11.22 ? 5 ASP A O   5  
ATOM   520  C CB  . ASP A 1 5 ? -2.094  1.550  -1.884 1.00 74.05 ? 5 ASP A CB  5  
ATOM   521  C CG  . ASP A 1 5 ? -1.533  1.487  -3.290 1.00 11.14 ? 5 ASP A CG  5  
ATOM   522  O OD1 . ASP A 1 5 ? -1.074  0.399  -3.698 1.00 31.44 ? 5 ASP A OD1 5  
ATOM   523  O OD2 . ASP A 1 5 ? -1.554  2.525  -3.985 1.00 33.12 ? 5 ASP A OD2 5  
ATOM   524  H H   . ASP A 1 5 ? -2.677  0.653  0.755  1.00 73.45 ? 5 ASP A H   5  
ATOM   525  H HA  . ASP A 1 5 ? -2.820  -0.461 -1.965 1.00 12.22 ? 5 ASP A HA  5  
ATOM   526  H HB2 . ASP A 1 5 ? -3.049  2.055  -1.920 1.00 33.34 ? 5 ASP A HB2 5  
ATOM   527  H HB3 . ASP A 1 5 ? -1.413  2.121  -1.269 1.00 60.45 ? 5 ASP A HB3 5  
ATOM   528  N N   . PRO A 1 6 ? -0.908  -1.807 -0.864 1.00 60.54 ? 6 PRO A N   5  
ATOM   529  C CA  . PRO A 1 6 ? 0.318   -2.562 -0.593 1.00 34.32 ? 6 PRO A CA  5  
ATOM   530  C C   . PRO A 1 6 ? 1.276   -2.559 -1.779 1.00 41.11 ? 6 PRO A C   5  
ATOM   531  O O   . PRO A 1 6 ? 2.415   -3.011 -1.671 1.00 30.21 ? 6 PRO A O   5  
ATOM   532  C CB  . PRO A 1 6 ? -0.191  -3.979 -0.320 1.00 71.34 ? 6 PRO A CB  5  
ATOM   533  C CG  . PRO A 1 6 ? -1.490  -4.061 -1.045 1.00 2.22  ? 6 PRO A CG  5  
ATOM   534  C CD  . PRO A 1 6 ? -2.086  -2.682 -0.984 1.00 43.11 ? 6 PRO A CD  5  
ATOM   535  H HA  . PRO A 1 6 ? 0.830   -2.187 0.282  1.00 72.23 ? 6 PRO A HA  5  
ATOM   536  H HB2 . PRO A 1 6 ? 0.521   -4.699 -0.698 1.00 23.11 ? 6 PRO A HB2 5  
ATOM   537  H HB3 . PRO A 1 6 ? -0.323  -4.120 0.743  1.00 64.40 ? 6 PRO A HB3 5  
ATOM   538  H HG2 . PRO A 1 6 ? -1.319  -4.351 -2.071 1.00 23.03 ? 6 PRO A HG2 5  
ATOM   539  H HG3 . PRO A 1 6 ? -2.139  -4.772 -0.555 1.00 43.51 ? 6 PRO A HG3 5  
ATOM   540  H HD2 . PRO A 1 6 ? -2.635  -2.468 -1.889 1.00 44.30 ? 6 PRO A HD2 5  
ATOM   541  H HD3 . PRO A 1 6 ? -2.726  -2.586 -0.121 1.00 21.50 ? 6 PRO A HD3 5  
ATOM   542  N N   . TRP A 1 7 ? 0.806   -2.047 -2.911 1.00 3.03  ? 7 TRP A N   5  
ATOM   543  C CA  . TRP A 1 7 ? 1.621   -1.986 -4.119 1.00 72.11 ? 7 TRP A CA  5  
ATOM   544  C C   . TRP A 1 7 ? 1.984   -0.544 -4.458 1.00 1.10  ? 7 TRP A C   5  
ATOM   545  O O   . TRP A 1 7 ? 2.419   -0.248 -5.572 1.00 34.41 ? 7 TRP A O   5  
ATOM   546  C CB  . TRP A 1 7 ? 0.881   -2.627 -5.293 1.00 24.23 ? 7 TRP A CB  5  
ATOM   547  C CG  . TRP A 1 7 ? 1.794   -3.272 -6.290 1.00 4.11  ? 7 TRP A CG  5  
ATOM   548  C CD1 . TRP A 1 7 ? 1.967   -2.911 -7.596 1.00 11.24 ? 7 TRP A CD1 5  
ATOM   549  C CD2 . TRP A 1 7 ? 2.658   -4.392 -6.064 1.00 74.32 ? 7 TRP A CD2 5  
ATOM   550  N NE1 . TRP A 1 7 ? 2.887   -3.738 -8.195 1.00 72.10 ? 7 TRP A NE1 5  
ATOM   551  C CE2 . TRP A 1 7 ? 3.326   -4.654 -7.276 1.00 23.14 ? 7 TRP A CE2 5  
ATOM   552  C CE3 . TRP A 1 7 ? 2.934   -5.196 -4.955 1.00 71.32 ? 7 TRP A CE3 5  
ATOM   553  C CZ2 . TRP A 1 7 ? 4.249   -5.687 -7.408 1.00 34.13 ? 7 TRP A CZ2 5  
ATOM   554  C CZ3 . TRP A 1 7 ? 3.850   -6.221 -5.087 1.00 54.33 ? 7 TRP A CZ3 5  
ATOM   555  C CH2 . TRP A 1 7 ? 4.500   -6.460 -6.306 1.00 54.04 ? 7 TRP A CH2 5  
ATOM   556  H H   . TRP A 1 7 ? -0.112  -1.702 -2.936 1.00 11.41 ? 7 TRP A H   5  
ATOM   557  H HA  . TRP A 1 7 ? 2.530   -2.539 -3.932 1.00 72.13 ? 7 TRP A HA  5  
ATOM   558  H HB2 . TRP A 1 7 ? 0.210   -3.386 -4.915 1.00 5.22  ? 7 TRP A HB2 5  
ATOM   559  H HB3 . TRP A 1 7 ? 0.307   -1.869 -5.805 1.00 51.23 ? 7 TRP A HB3 5  
ATOM   560  H HD1 . TRP A 1 7 ? 1.449   -2.094 -8.075 1.00 21.33 ? 7 TRP A HD1 5  
ATOM   561  H HE1 . TRP A 1 7 ? 3.181   -3.680 -9.128 1.00 31.13 ? 7 TRP A HE1 5  
ATOM   562  H HE3 . TRP A 1 7 ? 2.443   -5.027 -4.007 1.00 3.42  ? 7 TRP A HE3 5  
ATOM   563  H HZ2 . TRP A 1 7 ? 4.760   -5.883 -8.340 1.00 23.54 ? 7 TRP A HZ2 5  
ATOM   564  H HZ3 . TRP A 1 7 ? 4.077   -6.854 -4.241 1.00 43.14 ? 7 TRP A HZ3 5  
ATOM   565  H HH2 . TRP A 1 7 ? 5.209   -7.271 -6.363 1.00 61.11 ? 7 TRP A HH2 5  
ATOM   566  N N   . CYS A 1 8 ? 1.802   0.351  -3.492 1.00 24.14 ? 8 CYS A N   5  
ATOM   567  C CA  . CYS A 1 8 ? 2.109   1.762  -3.688 1.00 11.03 ? 8 CYS A CA  5  
ATOM   568  C C   . CYS A 1 8 ? 3.604   1.966  -3.920 1.00 22.44 ? 8 CYS A C   5  
ATOM   569  O O   . CYS A 1 8 ? 4.012   2.901  -4.608 1.00 15.50 ? 8 CYS A O   5  
ATOM   570  C CB  . CYS A 1 8 ? 1.654   2.578  -2.477 1.00 71.42 ? 8 CYS A CB  5  
ATOM   571  S SG  . CYS A 1 8 ? 2.671   2.328  -0.987 1.00 13.23 ? 8 CYS A SG  5  
ATOM   572  H H   . CYS A 1 8 ? 1.452   0.054  -2.625 1.00 22.11 ? 8 CYS A H   5  
ATOM   573  H HA  . CYS A 1 8 ? 1.573   2.100  -4.562 1.00 61.51 ? 8 CYS A HA  5  
ATOM   574  H HB2 . CYS A 1 8 ? 1.691   3.629  -2.726 1.00 24.33 ? 8 CYS A HB2 5  
ATOM   575  H HB3 . CYS A 1 8 ? 0.638   2.306  -2.231 1.00 52.25 ? 8 CYS A HB3 5  
ATOM   576  N N   . GLY A 1 1 ? 5.064   -0.776 2.166  1.00 42.25 ? 1 GLY A N   6  
ATOM   577  C CA  . GLY A 1 1 ? 3.997   -0.193 1.375  1.00 70.55 ? 1 GLY A CA  6  
ATOM   578  C C   . GLY A 1 1 ? 3.210   0.852  2.144  1.00 45.12 ? 1 GLY A C   6  
ATOM   579  O O   . GLY A 1 1 ? 3.679   1.372  3.156  1.00 73.34 ? 1 GLY A O   6  
ATOM   580  H H1  . GLY A 1 1 ? 5.882   -0.262 2.336  1.00 74.21 ? 1 GLY A H1  6  
ATOM   581  H HA2 . GLY A 1 1 ? 4.423   0.268  0.497  1.00 43.30 ? 1 GLY A HA2 6  
ATOM   582  H HA3 . GLY A 1 1 ? 3.322   -0.978 1.066  1.00 12.14 ? 1 GLY A HA3 6  
ATOM   583  N N   . CYS A 1 2 ? 2.011   1.159  1.662  1.00 70.44 ? 2 CYS A N   6  
ATOM   584  C CA  . CYS A 1 2 ? 1.157   2.150  2.308  1.00 3.21  ? 2 CYS A CA  6  
ATOM   585  C C   . CYS A 1 2 ? -0.086  1.492  2.900  1.00 74.15 ? 2 CYS A C   6  
ATOM   586  O O   . CYS A 1 2 ? -0.530  0.433  2.458  1.00 2.44  ? 2 CYS A O   6  
ATOM   587  C CB  . CYS A 1 2 ? 0.749   3.232  1.307  1.00 72.34 ? 2 CYS A CB  6  
ATOM   588  S SG  . CYS A 1 2 ? 2.124   3.862  0.291  1.00 63.44 ? 2 CYS A SG  6  
ATOM   589  H H   . CYS A 1 2 ? 1.691   0.710  0.851  1.00 22.22 ? 2 CYS A H   6  
ATOM   590  H HA  . CYS A 1 2 ? 1.724   2.605  3.106  1.00 63.54 ? 2 CYS A HA  6  
ATOM   591  H HB2 . CYS A 1 2 ? 0.003   2.830  0.637  1.00 21.35 ? 2 CYS A HB2 6  
ATOM   592  H HB3 . CYS A 1 2 ? 0.327   4.068  1.845  1.00 53.34 ? 2 CYS A HB3 6  
ATOM   593  N N   . PRO A 1 3 ? -0.665  2.136  3.924  1.00 54.15 ? 3 PRO A N   6  
ATOM   594  C CA  . PRO A 1 3 ? -1.865  1.635  4.599  1.00 45.00 ? 3 PRO A CA  6  
ATOM   595  C C   . PRO A 1 3 ? -3.105  1.723  3.715  1.00 22.52 ? 3 PRO A C   6  
ATOM   596  O O   . PRO A 1 3 ? -3.583  2.827  3.458  1.00 2.22  ? 3 PRO A O   6  
ATOM   597  C CB  . PRO A 1 3 ? -2.005  2.559  5.811  1.00 45.34 ? 3 PRO A CB  6  
ATOM   598  C CG  . PRO A 1 3 ? -1.320  3.819  5.407  1.00 4.00  ? 3 PRO A CG  6  
ATOM   599  C CD  . PRO A 1 3 ? -0.191  3.405  4.504  1.00 52.22 ? 3 PRO A CD  6  
ATOM   600  H HA  . PRO A 1 3 ? -1.735  0.616  4.934  1.00 65.44 ? 3 PRO A HA  6  
ATOM   601  H HB2 . PRO A 1 3 ? -3.053  2.727  6.019  1.00 13.42 ? 3 PRO A HB2 6  
ATOM   602  H HB3 . PRO A 1 3 ? -1.529  2.109  6.668  1.00 62.20 ? 3 PRO A HB3 6  
ATOM   603  H HG2 . PRO A 1 3 ? -2.009  4.458  4.877  1.00 44.35 ? 3 PRO A HG2 6  
ATOM   604  H HG3 . PRO A 1 3 ? -0.935  4.323  6.280  1.00 13.12 ? 3 PRO A HG3 6  
ATOM   605  H HD2 . PRO A 1 3 ? -0.033  4.146  3.734  1.00 3.30  ? 3 PRO A HD2 6  
ATOM   606  H HD3 . PRO A 1 3 ? 0.713   3.253  5.074  1.00 35.14 ? 3 PRO A HD3 6  
HETATM 607  N N   . DTR A 1 4 ? -3.595  0.572  3.277  1.00 44.13 ? 4 DTR A N   6  
HETATM 608  C CA  . DTR A 1 4 ? -4.774  0.535  2.429  1.00 21.23 ? 4 DTR A CA  6  
HETATM 609  C CB  . DTR A 1 4 ? -5.765  -0.525 2.914  1.00 61.14 ? 4 DTR A CB  6  
HETATM 610  C CG  . DTR A 1 4 ? -5.357  -1.960 2.576  1.00 73.43 ? 4 DTR A CG  6  
HETATM 611  C CD1 . DTR A 1 4 ? -4.454  -2.729 3.199  1.00 72.14 ? 4 DTR A CD1 6  
HETATM 612  N NE1 . DTR A 1 4 ? -4.355  -3.972 2.608  1.00 53.41 ? 4 DTR A NE1 6  
HETATM 613  C CE2 . DTR A 1 4 ? -5.249  -3.999 1.544  1.00 15.21 ? 4 DTR A CE2 6  
HETATM 614  C CZ2 . DTR A 1 4 ? -5.520  -5.030 0.638  1.00 3.43  ? 4 DTR A CZ2 6  
HETATM 615  C CH2 . DTR A 1 4 ? -6.483  -4.761 -0.342 1.00 21.43 ? 4 DTR A CH2 6  
HETATM 616  C CZ3 . DTR A 1 4 ? -7.109  -3.520 -0.370 1.00 31.50 ? 4 DTR A CZ3 6  
HETATM 617  C CE3 . DTR A 1 4 ? -6.849  -2.478 0.529  1.00 10.13 ? 4 DTR A CE3 6  
HETATM 618  C CD2 . DTR A 1 4 ? -5.878  -2.771 1.503  1.00 5.51  ? 4 DTR A CD2 6  
HETATM 619  C C   . DTR A 1 4 ? -4.313  0.307  0.988  1.00 42.22 ? 4 DTR A C   6  
HETATM 620  O O   . DTR A 1 4 ? -5.040  -0.222 0.146  1.00 54.13 ? 4 DTR A O   6  
HETATM 621  H H   . DTR A 1 4 ? -3.201  -0.321 3.492  1.00 2.13  ? 4 DTR A H   6  
HETATM 622  H HA  . DTR A 1 4 ? -5.275  1.500  2.512  1.00 51.41 ? 4 DTR A HA  6  
HETATM 623  H HB2 . DTR A 1 4 ? -6.742  -0.322 2.474  1.00 64.25 ? 4 DTR A HB2 6  
HETATM 624  H HB3 . DTR A 1 4 ? -5.878  -0.434 3.994  1.00 32.43 ? 4 DTR A HB3 6  
HETATM 625  H HD1 . DTR A 1 4 ? -3.871  -2.412 4.064  1.00 22.43 ? 4 DTR A HD1 6  
HETATM 626  H HE1 . DTR A 1 4 ? -3.697  -4.784 2.919  1.00 0.21  ? 4 DTR A HE1 6  
HETATM 627  H HZ2 . DTR A 1 4 ? -5.008  -5.992 0.691  1.00 63.14 ? 4 DTR A HZ2 6  
HETATM 628  H HH2 . DTR A 1 4 ? -6.743  -5.521 -1.079 1.00 34.55 ? 4 DTR A HH2 6  
HETATM 629  H HZ3 . DTR A 1 4 ? -7.855  -3.346 -1.146 1.00 12.43 ? 4 DTR A HZ3 6  
HETATM 630  H HE3 . DTR A 1 4 ? -7.361  -1.518 0.476  1.00 51.50 ? 4 DTR A HE3 6  
ATOM   631  N N   . ASP A 1 5 ? -3.079  0.720  0.721  1.00 51.02 ? 5 ASP A N   6  
ATOM   632  C CA  . ASP A 1 5 ? -2.493  0.572  -0.606 1.00 71.54 ? 5 ASP A CA  6  
ATOM   633  C C   . ASP A 1 5 ? -1.118  -0.083 -0.524 1.00 63.22 ? 5 ASP A C   6  
ATOM   634  O O   . ASP A 1 5 ? -0.083  0.578  -0.601 1.00 14.04 ? 5 ASP A O   6  
ATOM   635  C CB  . ASP A 1 5 ? -2.383  1.935  -1.292 1.00 11.53 ? 5 ASP A CB  6  
ATOM   636  C CG  . ASP A 1 5 ? -2.230  1.815  -2.796 1.00 71.21 ? 5 ASP A CG  6  
ATOM   637  O OD1 . ASP A 1 5 ? -2.645  0.778  -3.354 1.00 65.23 ? 5 ASP A OD1 6  
ATOM   638  O OD2 . ASP A 1 5 ? -1.696  2.759  -3.415 1.00 53.04 ? 5 ASP A OD2 6  
ATOM   639  H H   . ASP A 1 5 ? -2.549  1.133  1.435  1.00 52.22 ? 5 ASP A H   6  
ATOM   640  H HA  . ASP A 1 5 ? -3.146  -0.061 -1.188 1.00 61.01 ? 5 ASP A HA  6  
ATOM   641  H HB2 . ASP A 1 5 ? -3.274  2.509  -1.084 1.00 51.21 ? 5 ASP A HB2 6  
ATOM   642  H HB3 . ASP A 1 5 ? -1.522  2.458  -0.901 1.00 53.13 ? 5 ASP A HB3 6  
ATOM   643  N N   . PRO A 1 6 ? -1.106  -1.415 -0.362 1.00 42.33 ? 6 PRO A N   6  
ATOM   644  C CA  . PRO A 1 6 ? 0.135   -2.188 -0.265 1.00 22.14 ? 6 PRO A CA  6  
ATOM   645  C C   . PRO A 1 6 ? 0.889   -2.244 -1.590 1.00 62.12 ? 6 PRO A C   6  
ATOM   646  O O   . PRO A 1 6 ? 2.024   -2.717 -1.649 1.00 23.41 ? 6 PRO A O   6  
ATOM   647  C CB  . PRO A 1 6 ? -0.348  -3.586 0.133  1.00 75.44 ? 6 PRO A CB  6  
ATOM   648  C CG  . PRO A 1 6 ? -1.748  -3.661 -0.372 1.00 54.31 ? 6 PRO A CG  6  
ATOM   649  C CD  . PRO A 1 6 ? -2.303  -2.267 -0.264 1.00 75.34 ? 6 PRO A CD  6  
ATOM   650  H HA  . PRO A 1 6 ? 0.787   -1.798 0.503  1.00 23.13 ? 6 PRO A HA  6  
ATOM   651  H HB2 . PRO A 1 6 ? 0.280   -4.333 -0.331 1.00 73.21 ? 6 PRO A HB2 6  
ATOM   652  H HB3 . PRO A 1 6 ? -0.310  -3.691 1.207  1.00 43.04 ? 6 PRO A HB3 6  
ATOM   653  H HG2 . PRO A 1 6 ? -1.750  -3.985 -1.402 1.00 22.32 ? 6 PRO A HG2 6  
ATOM   654  H HG3 . PRO A 1 6 ? -2.323  -4.341 0.238  1.00 34.10 ? 6 PRO A HG3 6  
ATOM   655  H HD2 . PRO A 1 6 ? -2.987  -2.068 -1.076 1.00 15.35 ? 6 PRO A HD2 6  
ATOM   656  H HD3 . PRO A 1 6 ? -2.795  -2.130 0.689  1.00 5.54  ? 6 PRO A HD3 6  
ATOM   657  N N   . TRP A 1 7 ? 0.252   -1.756 -2.648 1.00 31.11 ? 7 TRP A N   6  
ATOM   658  C CA  . TRP A 1 7 ? 0.864   -1.749 -3.972 1.00 61.10 ? 7 TRP A CA  6  
ATOM   659  C C   . TRP A 1 7 ? 1.192   -0.327 -4.413 1.00 64.01 ? 7 TRP A C   6  
ATOM   660  O O   . TRP A 1 7 ? 1.446   -0.075 -5.591 1.00 42.30 ? 7 TRP A O   6  
ATOM   661  C CB  . TRP A 1 7 ? -0.066  -2.411 -4.990 1.00 71.32 ? 7 TRP A CB  6  
ATOM   662  C CG  . TRP A 1 7 ? 0.043   -3.906 -5.010 1.00 5.20  ? 7 TRP A CG  6  
ATOM   663  C CD1 . TRP A 1 7 ? -0.969  -4.805 -4.829 1.00 75.32 ? 7 TRP A CD1 6  
ATOM   664  C CD2 . TRP A 1 7 ? 1.232   -4.675 -5.223 1.00 63.01 ? 7 TRP A CD2 6  
ATOM   665  N NE1 . TRP A 1 7 ? -0.481  -6.086 -4.915 1.00 42.43 ? 7 TRP A NE1 6  
ATOM   666  C CE2 . TRP A 1 7 ? 0.866   -6.034 -5.158 1.00 51.31 ? 7 TRP A CE2 6  
ATOM   667  C CE3 . TRP A 1 7 ? 2.569   -4.349 -5.465 1.00 55.34 ? 7 TRP A CE3 6  
ATOM   668  C CZ2 . TRP A 1 7 ? 1.790   -7.062 -5.325 1.00 54.22 ? 7 TRP A CZ2 6  
ATOM   669  C CZ3 . TRP A 1 7 ? 3.485   -5.370 -5.629 1.00 44.01 ? 7 TRP A CZ3 6  
ATOM   670  C CH2 . TRP A 1 7 ? 3.092   -6.714 -5.559 1.00 41.25 ? 7 TRP A CH2 6  
ATOM   671  H H   . TRP A 1 7 ? -0.651  -1.391 -2.537 1.00 3.44  ? 7 TRP A H   6  
ATOM   672  H HA  . TRP A 1 7 ? 1.782   -2.316 -3.914 1.00 3.30  ? 7 TRP A HA  6  
ATOM   673  H HB2 . TRP A 1 7 ? -1.088  -2.155 -4.754 1.00 63.45 ? 7 TRP A HB2 6  
ATOM   674  H HB3 . TRP A 1 7 ? 0.174   -2.045 -5.978 1.00 31.41 ? 7 TRP A HB3 6  
ATOM   675  H HD1 . TRP A 1 7 ? -1.997  -4.533 -4.643 1.00 55.24 ? 7 TRP A HD1 6  
ATOM   676  H HE1 . TRP A 1 7 ? -1.013  -6.904 -4.822 1.00 34.42 ? 7 TRP A HE1 6  
ATOM   677  H HE3 . TRP A 1 7 ? 2.891   -3.319 -5.522 1.00 44.33 ? 7 TRP A HE3 6  
ATOM   678  H HZ2 . TRP A 1 7 ? 1.503   -8.102 -5.274 1.00 41.40 ? 7 TRP A HZ2 6  
ATOM   679  H HZ3 . TRP A 1 7 ? 4.523   -5.137 -5.816 1.00 41.20 ? 7 TRP A HZ3 6  
ATOM   680  H HH2 . TRP A 1 7 ? 3.841   -7.478 -5.694 1.00 1.04  ? 7 TRP A HH2 6  
ATOM   681  N N   . CYS A 1 8 ? 1.183   0.600  -3.461 1.00 50.44 ? 8 CYS A N   6  
ATOM   682  C CA  . CYS A 1 8 ? 1.479   1.997  -3.752 1.00 44.14 ? 8 CYS A CA  6  
ATOM   683  C C   . CYS A 1 8 ? 2.920   2.161  -4.227 1.00 43.55 ? 8 CYS A C   6  
ATOM   684  O O   . CYS A 1 8 ? 3.804   1.401  -3.833 1.00 3.22  ? 8 CYS A O   6  
ATOM   685  C CB  . CYS A 1 8 ? 1.239   2.860  -2.512 1.00 74.51 ? 8 CYS A CB  6  
ATOM   686  S SG  . CYS A 1 8 ? 2.479   2.632  -1.197 1.00 23.35 ? 8 CYS A SG  6  
ATOM   687  H H   . CYS A 1 8 ? 0.973   0.338  -2.540 1.00 60.50 ? 8 CYS A H   6  
ATOM   688  H HA  . CYS A 1 8 ? 0.815   2.321  -4.539 1.00 72.44 ? 8 CYS A HA  6  
ATOM   689  H HB2 . CYS A 1 8 ? 1.253   3.902  -2.798 1.00 11.22 ? 8 CYS A HB2 6  
ATOM   690  H HB3 . CYS A 1 8 ? 0.271   2.620  -2.097 1.00 34.32 ? 8 CYS A HB3 6  
ATOM   691  N N   . GLY A 1 1 ? 4.697   -1.128 2.817  1.00 62.31 ? 1 GLY A N   7  
ATOM   692  C CA  . GLY A 1 1 ? 3.769   -0.555 1.859  1.00 75.12 ? 1 GLY A CA  7  
ATOM   693  C C   . GLY A 1 1 ? 2.833   0.456  2.492  1.00 23.21 ? 1 GLY A C   7  
ATOM   694  O O   . GLY A 1 1 ? 3.089   0.946  3.592  1.00 70.25 ? 1 GLY A O   7  
ATOM   695  H H1  . GLY A 1 1 ? 4.358   -1.671 3.560  1.00 20.20 ? 1 GLY A H1  7  
ATOM   696  H HA2 . GLY A 1 1 ? 4.332   -0.069 1.077  1.00 43.21 ? 1 GLY A HA2 7  
ATOM   697  H HA3 . GLY A 1 1 ? 3.180   -1.350 1.425  1.00 34.23 ? 1 GLY A HA3 7  
ATOM   698  N N   . CYS A 1 2 ? 1.746   0.770  1.796  1.00 3.41  ? 2 CYS A N   7  
ATOM   699  C CA  . CYS A 1 2 ? 0.769   1.731  2.293  1.00 72.30 ? 2 CYS A CA  7  
ATOM   700  C C   . CYS A 1 2 ? -0.559  1.045  2.602  1.00 55.20 ? 2 CYS A C   7  
ATOM   701  O O   . CYS A 1 2 ? -0.891  0.000  2.043  1.00 73.34 ? 2 CYS A O   7  
ATOM   702  C CB  . CYS A 1 2 ? 0.554   2.848  1.270  1.00 63.44 ? 2 CYS A CB  7  
ATOM   703  S SG  . CYS A 1 2 ? 2.095   3.522  0.570  1.00 62.43 ? 2 CYS A SG  7  
ATOM   704  H H   . CYS A 1 2 ? 1.597   0.346  0.923  1.00 20.21 ? 2 CYS A H   7  
ATOM   705  H HA  . CYS A 1 2 ? 1.159   2.159  3.204  1.00 52.21 ? 2 CYS A HA  7  
ATOM   706  H HB2 . CYS A 1 2 ? -0.039  2.466  0.451  1.00 62.22 ? 2 CYS A HB2 7  
ATOM   707  H HB3 . CYS A 1 2 ? 0.023   3.661  1.743  1.00 32.11 ? 2 CYS A HB3 7  
ATOM   708  N N   . PRO A 1 3 ? -1.338  1.648  3.513  1.00 12.51 ? 3 PRO A N   7  
ATOM   709  C CA  . PRO A 1 3 ? -2.642  1.114  3.917  1.00 63.31 ? 3 PRO A CA  7  
ATOM   710  C C   . PRO A 1 3 ? -3.683  1.228  2.808  1.00 50.25 ? 3 PRO A C   7  
ATOM   711  O O   . PRO A 1 3 ? -4.114  2.338  2.500  1.00 0.20  ? 3 PRO A O   7  
ATOM   712  C CB  . PRO A 1 3 ? -3.031  1.992  5.108  1.00 61.52 ? 3 PRO A CB  7  
ATOM   713  C CG  . PRO A 1 3 ? -2.296  3.269  4.894  1.00 53.42 ? 3 PRO A CG  7  
ATOM   714  C CD  . PRO A 1 3 ? -1.005  2.896  4.220  1.00 10.10 ? 3 PRO A CD  7  
ATOM   715  H HA  . PRO A 1 3 ? -2.568  0.084  4.235  1.00 13.11 ? 3 PRO A HA  7  
ATOM   716  H HB2 . PRO A 1 3 ? -4.101  2.147  5.111  1.00 24.32 ? 3 PRO A HB2 7  
ATOM   717  H HB3 . PRO A 1 3 ? -2.729  1.512  6.027  1.00 72.33 ? 3 PRO A HB3 7  
ATOM   718  H HG2 . PRO A 1 3 ? -2.874  3.925  4.260  1.00 11.23 ? 3 PRO A HG2 7  
ATOM   719  H HG3 . PRO A 1 3 ? -2.098  3.743  5.844  1.00 63.44 ? 3 PRO A HG3 7  
ATOM   720  H HD2 . PRO A 1 3 ? -0.706  3.666  3.523  1.00 35.22 ? 3 PRO A HD2 7  
ATOM   721  H HD3 . PRO A 1 3 ? -0.230  2.728  4.954  1.00 62.22 ? 3 PRO A HD3 7  
HETATM 722  N N   . DTR A 1 4 ? -4.060  0.093  2.240  1.00 4.11  ? 4 DTR A N   7  
HETATM 723  C CA  . DTR A 1 4 ? -5.047  0.080  1.173  1.00 13.31 ? 4 DTR A CA  7  
HETATM 724  C CB  . DTR A 1 4 ? -6.100  -1.002 1.414  1.00 65.04 ? 4 DTR A CB  7  
HETATM 725  C CG  . DTR A 1 4 ? -6.733  -0.958 2.806  1.00 51.31 ? 4 DTR A CG  7  
HETATM 726  C CD1 . DTR A 1 4 ? -7.209  0.108  3.462  1.00 60.44 ? 4 DTR A CD1 7  
HETATM 727  N NE1 . DTR A 1 4 ? -7.705  -0.241 4.701  1.00 73.54 ? 4 DTR A NE1 7  
HETATM 728  C CE2 . DTR A 1 4 ? -7.535  -1.612 4.846  1.00 12.01 ? 4 DTR A CE2 7  
HETATM 729  C CZ2 . DTR A 1 4 ? -7.876  -2.441 5.922  1.00 50.41 ? 4 DTR A CZ2 7  
HETATM 730  C CH2 . DTR A 1 4 ? -7.578  -3.802 5.777  1.00 74.43 ? 4 DTR A CH2 7  
HETATM 731  C CZ3 . DTR A 1 4 ? -6.977  -4.255 4.610  1.00 54.43 ? 4 DTR A CZ3 7  
HETATM 732  C CE3 . DTR A 1 4 ? -6.630  -3.440 3.526  1.00 42.52 ? 4 DTR A CE3 7  
HETATM 733  C CD2 . DTR A 1 4 ? -6.938  -2.078 3.693  1.00 51.01 ? 4 DTR A CD2 7  
HETATM 734  C C   . DTR A 1 4 ? -4.306  -0.090 -0.154 1.00 32.04 ? 4 DTR A C   7  
HETATM 735  O O   . DTR A 1 4 ? -4.843  -0.590 -1.142 1.00 72.32 ? 4 DTR A O   7  
HETATM 736  H H   . DTR A 1 4 ? -3.705  -0.806 2.497  1.00 31.13 ? 4 DTR A H   7  
HETATM 737  H HA  . DTR A 1 4 ? -5.566  1.038  1.190  1.00 73.15 ? 4 DTR A HA  7  
HETATM 738  H HB2 . DTR A 1 4 ? -5.643  -1.980 1.264  1.00 34.45 ? 4 DTR A HB2 7  
HETATM 739  H HB3 . DTR A 1 4 ? -6.887  -0.901 0.665  1.00 32.04 ? 4 DTR A HB3 7  
HETATM 740  H HD1 . DTR A 1 4 ? -7.206  1.124  3.067  1.00 44.13 ? 4 DTR A HD1 7  
HETATM 741  H HE1 . DTR A 1 4 ? -8.149  0.436  5.433  1.00 11.41 ? 4 DTR A HE1 7  
HETATM 742  H HZ2 . DTR A 1 4 ? -8.347  -2.049 6.823  1.00 55.12 ? 4 DTR A HZ2 7  
HETATM 743  H HH2 . DTR A 1 4 ? -7.817  -4.502 6.578  1.00 14.41 ? 4 DTR A HH2 7  
HETATM 744  H HZ3 . DTR A 1 4 ? -6.759  -5.321 4.532  1.00 54.25 ? 4 DTR A HZ3 7  
HETATM 745  H HE3 . DTR A 1 4 ? -6.159  -3.832 2.624  1.00 73.11 ? 4 DTR A HE3 7  
ATOM   746  N N   . ASP A 1 5 ? -3.049  0.339  -0.155 1.00 74.14 ? 5 ASP A N   7  
ATOM   747  C CA  . ASP A 1 5 ? -2.209  0.246  -1.343 1.00 4.23  ? 5 ASP A CA  7  
ATOM   748  C C   . ASP A 1 5 ? -0.870  -0.406 -1.013 1.00 22.54 ? 5 ASP A C   7  
ATOM   749  O O   . ASP A 1 5 ? 0.152   0.261  -0.858 1.00 23.32 ? 5 ASP A O   7  
ATOM   750  C CB  . ASP A 1 5 ? -1.980  1.634  -1.943 1.00 35.21 ? 5 ASP A CB  7  
ATOM   751  C CG  . ASP A 1 5 ? -3.185  2.142  -2.708 1.00 23.52 ? 5 ASP A CG  7  
ATOM   752  O OD1 . ASP A 1 5 ? -4.032  1.311  -3.101 1.00 34.51 ? 5 ASP A OD1 7  
ATOM   753  O OD2 . ASP A 1 5 ? -3.284  3.369  -2.914 1.00 1.31  ? 5 ASP A OD2 7  
ATOM   754  H H   . ASP A 1 5 ? -2.676  0.729  0.664  1.00 75.13 ? 5 ASP A H   7  
ATOM   755  H HA  . ASP A 1 5 ? -2.725  -0.367 -2.066 1.00 64.14 ? 5 ASP A HA  7  
ATOM   756  H HB2 . ASP A 1 5 ? -1.763  2.332  -1.147 1.00 32.05 ? 5 ASP A HB2 7  
ATOM   757  H HB3 . ASP A 1 5 ? -1.138  1.593  -2.618 1.00 3.00  ? 5 ASP A HB3 7  
ATOM   758  N N   . PRO A 1 6 ? -0.875  -1.743 -0.902 1.00 3.33  ? 6 PRO A N   7  
ATOM   759  C CA  . PRO A 1 6 ? 0.330   -2.515 -0.588 1.00 3.45  ? 6 PRO A CA  7  
ATOM   760  C C   . PRO A 1 6 ? 1.334   -2.517 -1.737 1.00 74.14 ? 6 PRO A C   7  
ATOM   761  O O   . PRO A 1 6 ? 2.463   -2.983 -1.588 1.00 34.35 ? 6 PRO A O   7  
ATOM   762  C CB  . PRO A 1 6 ? -0.206  -3.929 -0.346 1.00 71.24 ? 6 PRO A CB  7  
ATOM   763  C CG  . PRO A 1 6 ? -1.476  -3.990 -1.122 1.00 2.30  ? 6 PRO A CG  7  
ATOM   764  C CD  . PRO A 1 6 ? -2.058  -2.603 -1.075 1.00 22.35 ? 6 PRO A CD  7  
ATOM   765  H HA  . PRO A 1 6 ? 0.812   -2.153 0.308  1.00 40.30 ? 6 PRO A HA  7  
ATOM   766  H HB2 . PRO A 1 6 ? 0.511   -4.655 -0.702 1.00 3.31  ? 6 PRO A HB2 7  
ATOM   767  H HB3 . PRO A 1 6 ? -0.382  -4.075 0.709  1.00 2.44  ? 6 PRO A HB3 7  
ATOM   768  H HG2 . PRO A 1 6 ? -1.270  -4.275 -2.143 1.00 71.21 ? 6 PRO A HG2 7  
ATOM   769  H HG3 . PRO A 1 6 ? -2.153  -4.696 -0.664 1.00 33.52 ? 6 PRO A HG3 7  
ATOM   770  H HD2 . PRO A 1 6 ? -2.569  -2.377 -1.999 1.00 12.14 ? 6 PRO A HD2 7  
ATOM   771  H HD3 . PRO A 1 6 ? -2.731  -2.506 -0.236 1.00 14.11 ? 6 PRO A HD3 7  
ATOM   772  N N   . TRP A 1 7 ? 0.914   -1.991 -2.883 1.00 32.04 ? 7 TRP A N   7  
ATOM   773  C CA  . TRP A 1 7 ? 1.777   -1.932 -4.057 1.00 34.02 ? 7 TRP A CA  7  
ATOM   774  C C   . TRP A 1 7 ? 2.167   -0.492 -4.373 1.00 1.44  ? 7 TRP A C   7  
ATOM   775  O O   . TRP A 1 7 ? 2.647   -0.194 -5.468 1.00 30.54 ? 7 TRP A O   7  
ATOM   776  C CB  . TRP A 1 7 ? 1.076   -2.561 -5.263 1.00 53.15 ? 7 TRP A CB  7  
ATOM   777  C CG  . TRP A 1 7 ? 2.016   -3.258 -6.199 1.00 31.21 ? 7 TRP A CG  7  
ATOM   778  C CD1 . TRP A 1 7 ? 2.523   -2.768 -7.368 1.00 41.41 ? 7 TRP A CD1 7  
ATOM   779  C CD2 . TRP A 1 7 ? 2.559   -4.574 -6.044 1.00 44.13 ? 7 TRP A CD2 7  
ATOM   780  N NE1 . TRP A 1 7 ? 3.349   -3.700 -7.950 1.00 70.14 ? 7 TRP A NE1 7  
ATOM   781  C CE2 . TRP A 1 7 ? 3.388   -4.816 -7.158 1.00 33.22 ? 7 TRP A CE2 7  
ATOM   782  C CE3 . TRP A 1 7 ? 2.427   -5.571 -5.074 1.00 2.02  ? 7 TRP A CE3 7  
ATOM   783  C CZ2 . TRP A 1 7 ? 4.078   -6.013 -7.324 1.00 11.30 ? 7 TRP A CZ2 7  
ATOM   784  C CZ3 . TRP A 1 7 ? 3.113   -6.759 -5.242 1.00 73.42 ? 7 TRP A CZ3 7  
ATOM   785  C CH2 . TRP A 1 7 ? 3.930   -6.971 -6.359 1.00 12.34 ? 7 TRP A CH2 7  
ATOM   786  H H   . TRP A 1 7 ? 0.003   -1.636 -2.940 1.00 44.13 ? 7 TRP A H   7  
ATOM   787  H HA  . TRP A 1 7 ? 2.673   -2.495 -3.839 1.00 23.41 ? 7 TRP A HA  7  
ATOM   788  H HB2 . TRP A 1 7 ? 0.354   -3.284 -4.915 1.00 71.15 ? 7 TRP A HB2 7  
ATOM   789  H HB3 . TRP A 1 7 ? 0.567   -1.785 -5.817 1.00 41.22 ? 7 TRP A HB3 7  
ATOM   790  H HD1 . TRP A 1 7 ? 2.298   -1.790 -7.766 1.00 32.31 ? 7 TRP A HD1 7  
ATOM   791  H HE1 . TRP A 1 7 ? 3.831   -3.582 -8.795 1.00 1.31  ? 7 TRP A HE1 7  
ATOM   792  H HE3 . TRP A 1 7 ? 1.801   -5.426 -4.205 1.00 42.42 ? 7 TRP A HE3 7  
ATOM   793  H HZ2 . TRP A 1 7 ? 4.713   -6.192 -8.179 1.00 41.31 ? 7 TRP A HZ2 7  
ATOM   794  H HZ3 . TRP A 1 7 ? 3.023   -7.541 -4.502 1.00 72.41 ? 7 TRP A HZ3 7  
ATOM   795  H HH2 . TRP A 1 7 ? 4.448   -7.914 -6.448 1.00 24.31 ? 7 TRP A HH2 7  
ATOM   796  N N   . CYS A 1 8 ? 1.958   0.398  -3.409 1.00 52.00 ? 8 CYS A N   7  
ATOM   797  C CA  . CYS A 1 8 ? 2.288   1.807  -3.584 1.00 44.00 ? 8 CYS A CA  7  
ATOM   798  C C   . CYS A 1 8 ? 3.793   1.997  -3.759 1.00 25.41 ? 8 CYS A C   7  
ATOM   799  O O   . CYS A 1 8 ? 4.236   2.851  -4.526 1.00 23.51 ? 8 CYS A O   7  
ATOM   800  C CB  . CYS A 1 8 ? 1.796   2.621  -2.386 1.00 14.43 ? 8 CYS A CB  7  
ATOM   801  S SG  . CYS A 1 8 ? 2.753   2.350  -0.860 1.00 5.13  ? 8 CYS A SG  7  
ATOM   802  H H   . CYS A 1 8 ? 1.573   0.100  -2.558 1.00 34.42 ? 8 CYS A H   7  
ATOM   803  H HA  . CYS A 1 8 ? 1.788   2.157  -4.475 1.00 11.01 ? 8 CYS A HA  7  
ATOM   804  H HB2 . CYS A 1 8 ? 1.854   3.672  -2.627 1.00 74.14 ? 8 CYS A HB2 7  
ATOM   805  H HB3 . CYS A 1 8 ? 0.768   2.360  -2.181 1.00 11.44 ? 8 CYS A HB3 7  
ATOM   806  N N   . GLY A 1 1 ? 5.455   0.340  1.917  1.00 52.10 ? 1 GLY A N   8  
ATOM   807  C CA  . GLY A 1 1 ? 4.114   0.110  1.412  1.00 54.15 ? 1 GLY A CA  8  
ATOM   808  C C   . GLY A 1 1 ? 3.070   0.929  2.146  1.00 12.33 ? 1 GLY A C   8  
ATOM   809  O O   . GLY A 1 1 ? 3.324   1.434  3.240  1.00 25.30 ? 1 GLY A O   8  
ATOM   810  H H1  . GLY A 1 1 ? 5.783   -0.174 2.685  1.00 44.50 ? 1 GLY A H1  8  
ATOM   811  H HA2 . GLY A 1 1 ? 4.086   0.367  0.364  1.00 54.33 ? 1 GLY A HA2 8  
ATOM   812  H HA3 . GLY A 1 1 ? 3.875   -0.938 1.522  1.00 54.34 ? 1 GLY A HA3 8  
ATOM   813  N N   . CYS A 1 2 ? 1.894   1.062  1.543  1.00 65.41 ? 2 CYS A N   8  
ATOM   814  C CA  . CYS A 1 2 ? 0.807   1.826  2.145  1.00 54.55 ? 2 CYS A CA  8  
ATOM   815  C C   . CYS A 1 2 ? -0.352  0.913  2.532  1.00 4.41  ? 2 CYS A C   8  
ATOM   816  O O   . CYS A 1 2 ? -0.541  -0.165 1.967  1.00 51.30 ? 2 CYS A O   8  
ATOM   817  C CB  . CYS A 1 2 ? 0.320   2.906  1.177  1.00 44.33 ? 2 CYS A CB  8  
ATOM   818  S SG  . CYS A 1 2 ? 1.657   3.852  0.381  1.00 14.21 ? 2 CYS A SG  8  
ATOM   819  H H   . CYS A 1 2 ? 1.752   0.635  0.671  1.00 63.03 ? 2 CYS A H   8  
ATOM   820  H HA  . CYS A 1 2 ? 1.190   2.301  3.036  1.00 4.13  ? 2 CYS A HA  8  
ATOM   821  H HB2 . CYS A 1 2 ? -0.263  2.441  0.394  1.00 12.14 ? 2 CYS A HB2 8  
ATOM   822  H HB3 . CYS A 1 2 ? -0.303  3.605  1.714  1.00 71.32 ? 2 CYS A HB3 8  
ATOM   823  N N   . PRO A 1 3 ? -1.147  1.352  3.518  1.00 74.01 ? 3 PRO A N   8  
ATOM   824  C CA  . PRO A 1 3 ? -2.302  0.590  4.003  1.00 41.23 ? 3 PRO A CA  8  
ATOM   825  C C   . PRO A 1 3 ? -3.433  0.539  2.981  1.00 4.32  ? 3 PRO A C   8  
ATOM   826  O O   . PRO A 1 3 ? -4.073  1.561  2.740  1.00 13.24 ? 3 PRO A O   8  
ATOM   827  C CB  . PRO A 1 3 ? -2.741  1.365  5.247  1.00 23.33 ? 3 PRO A CB  8  
ATOM   828  C CG  . PRO A 1 3 ? -2.259  2.756  5.018  1.00 32.34 ? 3 PRO A CG  8  
ATOM   829  C CD  . PRO A 1 3 ? -0.981  2.627  4.236  1.00 34.31 ? 3 PRO A CD  8  
ATOM   830  H HA  . PRO A 1 3 ? -2.024  -0.416 4.281  1.00 64.32 ? 3 PRO A HA  8  
ATOM   831  H HB2 . PRO A 1 3 ? -3.818  1.328  5.336  1.00 44.21 ? 3 PRO A HB2 8  
ATOM   832  H HB3 . PRO A 1 3 ? -2.287  0.929  6.126  1.00 51.55 ? 3 PRO A HB3 8  
ATOM   833  H HG2 . PRO A 1 3 ? -2.992  3.309  4.451  1.00 12.32 ? 3 PRO A HG2 8  
ATOM   834  H HG3 . PRO A 1 3 ? -2.071  3.239  5.965  1.00 31.32 ? 3 PRO A HG3 8  
ATOM   835  H HD2 . PRO A 1 3 ? -0.878  3.449  3.544  1.00 22.02 ? 3 PRO A HD2 8  
ATOM   836  H HD3 . PRO A 1 3 ? -0.133  2.584  4.903  1.00 72.23 ? 3 PRO A HD3 8  
HETATM 837  N N   . DTR A 1 4 ? -3.652  -0.636 2.408  1.00 51.14 ? 4 DTR A N   8  
HETATM 838  C CA  . DTR A 1 4 ? -4.704  -0.802 1.420  1.00 1.12  ? 4 DTR A CA  8  
HETATM 839  C CB  . DTR A 1 4 ? -5.531  -2.057 1.705  1.00 33.44 ? 4 DTR A CB  8  
HETATM 840  C CG  . DTR A 1 4 ? -6.185  -2.069 3.089  1.00 22.12 ? 4 DTR A CG  8  
HETATM 841  C CD1 . DTR A 1 4 ? -5.635  -2.423 4.258  1.00 73.14 ? 4 DTR A CD1 8  
HETATM 842  N NE1 . DTR A 1 4 ? -6.536  -2.305 5.297  1.00 74.41 ? 4 DTR A NE1 8  
HETATM 843  C CE2 . DTR A 1 4 ? -7.734  -1.849 4.759  1.00 42.02 ? 4 DTR A CE2 8  
HETATM 844  C CZ2 . DTR A 1 4 ? -8.948  -1.572 5.399  1.00 0.44  ? 4 DTR A CZ2 8  
HETATM 845  C CH2 . DTR A 1 4 ? -9.993  -1.121 4.584  1.00 35.15 ? 4 DTR A CH2 8  
HETATM 846  C CZ3 . DTR A 1 4 ? -9.785  -0.973 3.218  1.00 73.12 ? 4 DTR A CZ3 8  
HETATM 847  C CE3 . DTR A 1 4 ? -8.579  -1.245 2.562  1.00 15.43 ? 4 DTR A CE3 8  
HETATM 848  C CD2 . DTR A 1 4 ? -7.544  -1.696 3.400  1.00 32.54 ? 4 DTR A CD2 8  
HETATM 849  C C   . DTR A 1 4 ? -4.053  -0.817 0.035  1.00 31.11 ? 4 DTR A C   8  
HETATM 850  O O   . DTR A 1 4 ? -4.574  -1.387 -0.924 1.00 73.04 ? 4 DTR A O   8  
HETATM 851  H H   . DTR A 1 4 ? -3.126  -1.462 2.609  1.00 32.41 ? 4 DTR A H   8  
HETATM 852  H HA  . DTR A 1 4 ? -5.379  0.049  1.505  1.00 73.51 ? 4 DTR A HA  8  
HETATM 853  H HB2 . DTR A 1 4 ? -4.889  -2.933 1.611  1.00 73.53 ? 4 DTR A HB2 8  
HETATM 854  H HB3 . DTR A 1 4 ? -6.308  -2.148 0.947  1.00 64.01 ? 4 DTR A HB3 8  
HETATM 855  H HD1 . DTR A 1 4 ? -4.605  -2.761 4.375  1.00 53.04 ? 4 DTR A HD1 8  
HETATM 856  H HE1 . DTR A 1 4 ? -6.344  -2.527 6.347  1.00 4.45  ? 4 DTR A HE1 8  
HETATM 857  H HZ2 . DTR A 1 4 ? -9.072  -1.701 6.474  1.00 10.14 ? 4 DTR A HZ2 8  
HETATM 858  H HH2 . DTR A 1 4 ? -10.964 -0.887 5.020  1.00 43.11 ? 4 DTR A HH2 8  
HETATM 859  H HZ3 . DTR A 1 4 ? -10.622 -0.619 2.614  1.00 33.11 ? 4 DTR A HZ3 8  
HETATM 860  H HE3 . DTR A 1 4 ? -8.454  -1.116 1.487  1.00 35.12 ? 4 DTR A HE3 8  
ATOM   861  N N   . ASP A 1 5 ? -2.894  -0.174 -0.048 1.00 72.31 ? 5 ASP A N   8  
ATOM   862  C CA  . ASP A 1 5 ? -2.149  -0.098 -1.300 1.00 24.22 ? 5 ASP A CA  8  
ATOM   863  C C   . ASP A 1 5 ? -0.695  -0.509 -1.092 1.00 72.32 ? 5 ASP A C   8  
ATOM   864  O O   . ASP A 1 5 ? 0.203   0.328  -0.995 1.00 51.31 ? 5 ASP A O   8  
ATOM   865  C CB  . ASP A 1 5 ? -2.217  1.317  -1.873 1.00 13.41 ? 5 ASP A CB  8  
ATOM   866  C CG  . ASP A 1 5 ? -3.594  1.662  -2.406 1.00 12.44 ? 5 ASP A CG  8  
ATOM   867  O OD1 . ASP A 1 5 ? -3.865  1.362  -3.588 1.00 54.32 ? 5 ASP A OD1 8  
ATOM   868  O OD2 . ASP A 1 5 ? -4.400  2.229  -1.641 1.00 31.20 ? 5 ASP A OD2 8  
ATOM   869  H H   . ASP A 1 5 ? -2.530  0.261  0.751  1.00 33.43 ? 5 ASP A H   8  
ATOM   870  H HA  . ASP A 1 5 ? -2.606  -0.782 -1.999 1.00 3.14  ? 5 ASP A HA  8  
ATOM   871  H HB2 . ASP A 1 5 ? -1.964  2.025  -1.097 1.00 51.43 ? 5 ASP A HB2 8  
ATOM   872  H HB3 . ASP A 1 5 ? -1.504  1.406  -2.681 1.00 63.31 ? 5 ASP A HB3 8  
ATOM   873  N N   . PRO A 1 6 ? -0.456  -1.826 -1.019 1.00 11.51 ? 6 PRO A N   8  
ATOM   874  C CA  . PRO A 1 6 ? 0.889   -2.377 -0.822 1.00 62.45 ? 6 PRO A CA  8  
ATOM   875  C C   . PRO A 1 6 ? 1.781   -2.183 -2.043 1.00 71.43 ? 6 PRO A C   8  
ATOM   876  O O   . PRO A 1 6 ? 2.982   -2.443 -1.993 1.00 1.51  ? 6 PRO A O   8  
ATOM   877  C CB  . PRO A 1 6 ? 0.630   -3.866 -0.580 1.00 30.21 ? 6 PRO A CB  8  
ATOM   878  C CG  . PRO A 1 6 ? -0.668  -4.140 -1.258 1.00 21.00 ? 6 PRO A CG  8  
ATOM   879  C CD  . PRO A 1 6 ? -1.478  -2.881 -1.126 1.00 73.15 ? 6 PRO A CD  8  
ATOM   880  H HA  . PRO A 1 6 ? 1.370   -1.948 0.045  1.00 72.54 ? 6 PRO A HA  8  
ATOM   881  H HB2 . PRO A 1 6 ? 1.433   -4.448 -1.011 1.00 32.23 ? 6 PRO A HB2 8  
ATOM   882  H HB3 . PRO A 1 6 ? 0.568   -4.058 0.481  1.00 53.43 ? 6 PRO A HB3 8  
ATOM   883  H HG2 . PRO A 1 6 ? -0.497  -4.368 -2.299 1.00 23.42 ? 6 PRO A HG2 8  
ATOM   884  H HG3 . PRO A 1 6 ? -1.171  -4.961 -0.770 1.00 31.04 ? 6 PRO A HG3 8  
ATOM   885  H HD2 . PRO A 1 6 ? -2.094  -2.733 -2.001 1.00 11.34 ? 6 PRO A HD2 8  
ATOM   886  H HD3 . PRO A 1 6 ? -2.088  -2.915 -0.235 1.00 2.25  ? 6 PRO A HD3 8  
ATOM   887  N N   . TRP A 1 7 ? 1.185   -1.722 -3.137 1.00 12.14 ? 7 TRP A N   8  
ATOM   888  C CA  . TRP A 1 7 ? 1.927   -1.492 -4.372 1.00 21.52 ? 7 TRP A CA  8  
ATOM   889  C C   . TRP A 1 7 ? 2.035   -0.002 -4.672 1.00 43.10 ? 7 TRP A C   8  
ATOM   890  O O   . TRP A 1 7 ? 2.367   0.394  -5.791 1.00 35.34 ? 7 TRP A O   8  
ATOM   891  C CB  . TRP A 1 7 ? 1.250   -2.213 -5.539 1.00 0.40  ? 7 TRP A CB  8  
ATOM   892  C CG  . TRP A 1 7 ? 1.460   -3.696 -5.523 1.00 5.45  ? 7 TRP A CG  8  
ATOM   893  C CD1 . TRP A 1 7 ? 0.500   -4.660 -5.397 1.00 41.40 ? 7 TRP A CD1 8  
ATOM   894  C CD2 . TRP A 1 7 ? 2.710   -4.386 -5.636 1.00 21.32 ? 7 TRP A CD2 8  
ATOM   895  N NE1 . TRP A 1 7 ? 1.078   -5.906 -5.424 1.00 45.41 ? 7 TRP A NE1 8  
ATOM   896  C CE2 . TRP A 1 7 ? 2.432   -5.766 -5.572 1.00 72.04 ? 7 TRP A CE2 8  
ATOM   897  C CE3 . TRP A 1 7 ? 4.036   -3.973 -5.788 1.00 32.41 ? 7 TRP A CE3 8  
ATOM   898  C CZ2 . TRP A 1 7 ? 3.433   -6.730 -5.652 1.00 23.13 ? 7 TRP A CZ2 8  
ATOM   899  C CZ3 . TRP A 1 7 ? 5.028   -4.932 -5.866 1.00 5.32  ? 7 TRP A CZ3 8  
ATOM   900  C CH2 . TRP A 1 7 ? 4.723   -6.298 -5.799 1.00 64.15 ? 7 TRP A CH2 8  
ATOM   901  H H   . TRP A 1 7 ? 0.224   -1.533 -3.114 1.00 43.13 ? 7 TRP A H   8  
ATOM   902  H HA  . TRP A 1 7 ? 2.921   -1.894 -4.240 1.00 20.42 ? 7 TRP A HA  8  
ATOM   903  H HB2 . TRP A 1 7 ? 0.187   -2.026 -5.501 1.00 23.02 ? 7 TRP A HB2 8  
ATOM   904  H HB3 . TRP A 1 7 ? 1.646   -1.829 -6.468 1.00 55.23 ? 7 TRP A HB3 8  
ATOM   905  H HD1 . TRP A 1 7 ? -0.554  -4.456 -5.291 1.00 21.45 ? 7 TRP A HD1 8  
ATOM   906  H HE1 . TRP A 1 7 ? 0.596   -6.758 -5.353 1.00 71.02 ? 7 TRP A HE1 8  
ATOM   907  H HE3 . TRP A 1 7 ? 4.293   -2.925 -5.842 1.00 63.42 ? 7 TRP A HE3 8  
ATOM   908  H HZ2 . TRP A 1 7 ? 3.212   -7.788 -5.602 1.00 14.21 ? 7 TRP A HZ2 8  
ATOM   909  H HZ3 . TRP A 1 7 ? 6.059   -4.631 -5.983 1.00 3.11  ? 7 TRP A HZ3 8  
ATOM   910  H HH2 . TRP A 1 7 ? 5.528   -7.012 -5.866 1.00 34.15 ? 7 TRP A HH2 8  
ATOM   911  N N   . CYS A 1 8 ? 1.751   0.822  -3.669 1.00 12.33 ? 8 CYS A N   8  
ATOM   912  C CA  . CYS A 1 8 ? 1.817   2.270  -3.825 1.00 45.00 ? 8 CYS A CA  8  
ATOM   913  C C   . CYS A 1 8 ? 3.246   2.723  -4.105 1.00 15.42 ? 8 CYS A C   8  
ATOM   914  O O   . CYS A 1 8 ? 3.534   3.286  -5.162 1.00 15.25 ? 8 CYS A O   8  
ATOM   915  C CB  . CYS A 1 8 ? 1.286   2.964  -2.570 1.00 33.53 ? 8 CYS A CB  8  
ATOM   916  S SG  . CYS A 1 8 ? 2.394   2.842  -1.129 1.00 73.42 ? 8 CYS A SG  8  
ATOM   917  H H   . CYS A 1 8 ? 1.492   0.446  -2.801 1.00 71.53 ? 8 CYS A H   8  
ATOM   918  H HA  . CYS A 1 8 ? 1.195   2.541  -4.666 1.00 13.44 ? 8 CYS A HA  8  
ATOM   919  H HB2 . CYS A 1 8 ? 1.140   4.013  -2.783 1.00 33.10 ? 8 CYS A HB2 8  
ATOM   920  H HB3 . CYS A 1 8 ? 0.339   2.522  -2.296 1.00 50.50 ? 8 CYS A HB3 8  
ATOM   921  N N   . GLY A 1 1 ? 5.118   -0.461 2.279  1.00 24.35 ? 1 GLY A N   9  
ATOM   922  C CA  . GLY A 1 1 ? 4.200   0.179  1.354  1.00 34.44 ? 1 GLY A CA  9  
ATOM   923  C C   . GLY A 1 1 ? 3.197   1.071  2.058  1.00 71.33 ? 1 GLY A C   9  
ATOM   924  O O   . GLY A 1 1 ? 3.504   1.671  3.088  1.00 12.01 ? 1 GLY A O   9  
ATOM   925  H H1  . GLY A 1 1 ? 5.833   0.061  2.697  1.00 54.52 ? 1 GLY A H1  9  
ATOM   926  H HA2 . GLY A 1 1 ? 4.767   0.775  0.655  1.00 23.14 ? 1 GLY A HA2 9  
ATOM   927  H HA3 . GLY A 1 1 ? 3.665   -0.585 0.810  1.00 24.44 ? 1 GLY A HA3 9  
ATOM   928  N N   . CYS A 1 2 ? 1.994   1.161  1.501  1.00 31.25 ? 2 CYS A N   9  
ATOM   929  C CA  . CYS A 1 2 ? 0.942   1.987  2.080  1.00 54.33 ? 2 CYS A CA  9  
ATOM   930  C C   . CYS A 1 2 ? -0.201  1.125  2.606  1.00 20.12 ? 2 CYS A C   9  
ATOM   931  O O   . CYS A 1 2 ? -0.422  0.000  2.154  1.00 72.42 ? 2 CYS A O   9  
ATOM   932  C CB  . CYS A 1 2 ? 0.411   2.977  1.040  1.00 13.35 ? 2 CYS A CB  9  
ATOM   933  S SG  . CYS A 1 2 ? 1.714   3.832  0.097  1.00 51.44 ? 2 CYS A SG  9  
ATOM   934  H H   . CYS A 1 2 ? 1.809   0.658  0.679  1.00 20.33 ? 2 CYS A H   9  
ATOM   935  H HA  . CYS A 1 2 ? 1.369   2.539  2.904  1.00 21.32 ? 2 CYS A HA  9  
ATOM   936  H HB2 . CYS A 1 2 ? -0.210  2.446  0.334  1.00 10.52 ? 2 CYS A HB2 9  
ATOM   937  H HB3 . CYS A 1 2 ? -0.182  3.729  1.539  1.00 31.14 ? 2 CYS A HB3 9  
ATOM   938  N N   . PRO A 1 3 ? -0.945  1.661  3.585  1.00 25.40 ? 3 PRO A N   9  
ATOM   939  C CA  . PRO A 1 3 ? -2.078  0.958  4.194  1.00 63.14 ? 3 PRO A CA  9  
ATOM   940  C C   . PRO A 1 3 ? -3.258  0.822  3.237  1.00 23.44 ? 3 PRO A C   9  
ATOM   941  O O   . PRO A 1 3 ? -3.906  1.823  2.934  1.00 14.43 ? 3 PRO A O   9  
ATOM   942  C CB  . PRO A 1 3 ? -2.453  1.849  5.381  1.00 4.44  ? 3 PRO A CB  9  
ATOM   943  C CG  . PRO A 1 3 ? -1.976  3.208  4.999  1.00 5.45  ? 3 PRO A CG  9  
ATOM   944  C CD  . PRO A 1 3 ? -0.739  2.996  4.171  1.00 33.11 ? 3 PRO A CD  9  
ATOM   945  H HA  . PRO A 1 3 ? -1.792  -0.020 4.552  1.00 43.02 ? 3 PRO A HA  9  
ATOM   946  H HB2 . PRO A 1 3 ? -3.524  1.831  5.524  1.00 22.22 ? 3 PRO A HB2 9  
ATOM   947  H HB3 . PRO A 1 3 ? -1.959  1.494  6.272  1.00 23.04 ? 3 PRO A HB3 9  
ATOM   948  H HG2 . PRO A 1 3 ? -2.733  3.713  4.419  1.00 62.00 ? 3 PRO A HG2 9  
ATOM   949  H HG3 . PRO A 1 3 ? -1.740  3.776  5.886  1.00 72.44 ? 3 PRO A HG3 9  
ATOM   950  H HD2 . PRO A 1 3 ? -0.666  3.748  3.402  1.00 44.53 ? 3 PRO A HD2 9  
ATOM   951  H HD3 . PRO A 1 3 ? 0.141   3.008  4.799  1.00 52.44 ? 3 PRO A HD3 9  
HETATM 952  N N   . DTR A 1 4 ? -3.510  -0.399 2.787  1.00 13.42 ? 4 DTR A N   9  
HETATM 953  C CA  . DTR A 1 4 ? -4.609  -0.647 1.871  1.00 41.50 ? 4 DTR A CA  9  
HETATM 954  C CB  . DTR A 1 4 ? -5.426  -1.863 2.312  1.00 43.12 ? 4 DTR A CB  9  
HETATM 955  C CG  . DTR A 1 4 ? -6.410  -1.573 3.447  1.00 4.33  ? 4 DTR A CG  9  
HETATM 956  C CD1 . DTR A 1 4 ? -6.153  -1.022 4.641  1.00 53.23 ? 4 DTR A CD1 9  
HETATM 957  N NE1 . DTR A 1 4 ? -7.296  -0.918 5.407  1.00 60.44 ? 4 DTR A NE1 9  
HETATM 958  C CE2 . DTR A 1 4 ? -8.347  -1.435 4.658  1.00 12.52 ? 4 DTR A CE2 9  
HETATM 959  C CZ2 . DTR A 1 4 ? -9.701  -1.555 4.991  1.00 72.20 ? 4 DTR A CZ2 9  
HETATM 960  C CH2 . DTR A 1 4 ? -10.533 -2.123 4.019  1.00 64.51 ? 4 DTR A CH2 9  
HETATM 961  C CZ3 . DTR A 1 4 ? -9.995  -2.531 2.804  1.00 21.32 ? 4 DTR A CZ3 9  
HETATM 962  C CE3 . DTR A 1 4 ? -8.644  -2.420 2.456  1.00 75.21 ? 4 DTR A CE3 9  
HETATM 963  C CD2 . DTR A 1 4 ? -7.828  -1.846 3.447  1.00 12.21 ? 4 DTR A CD2 9  
HETATM 964  C C   . DTR A 1 4 ? -4.027  -0.797 0.463  1.00 73.42 ? 4 DTR A C   9  
HETATM 965  O O   . DTR A 1 4 ? -4.597  -1.449 -0.412 1.00 55.23 ? 4 DTR A O   9  
HETATM 966  H H   . DTR A 1 4 ? -2.978  -1.208 3.039  1.00 1.52  ? 4 DTR A H   9  
HETATM 967  H HA  . DTR A 1 4 ? -5.275  0.214  1.909  1.00 62.45 ? 4 DTR A HA  9  
HETATM 968  H HB2 . DTR A 1 4 ? -4.743  -2.652 2.629  1.00 51.05 ? 4 DTR A HB2 9  
HETATM 969  H HB3 . DTR A 1 4 ? -5.979  -2.246 1.454  1.00 25.35 ? 4 DTR A HB3 9  
HETATM 970  H HD1 . DTR A 1 4 ? -5.165  -0.696 4.966  1.00 42.45 ? 4 DTR A HD1 9  
HETATM 971  H HE1 . DTR A 1 4 ? -7.363  -0.507 6.413  1.00 34.24 ? 4 DTR A HE1 9  
HETATM 972  H HZ2 . DTR A 1 4 ? -10.087 -1.222 5.954  1.00 71.40 ? 4 DTR A HZ2 9  
HETATM 973  H HH2 . DTR A 1 4 ? -11.599 -2.245 4.215  1.00 3.00  ? 4 DTR A HH2 9  
HETATM 974  H HZ3 . DTR A 1 4 ? -10.672 -2.970 2.072  1.00 62.10 ? 4 DTR A HZ3 9  
HETATM 975  H HE3 . DTR A 1 4 ? -8.258  -2.751 1.493  1.00 43.02 ? 4 DTR A HE3 9  
ATOM   976  N N   . ASP A 1 5 ? -2.872  -0.173 0.265  1.00 53.10 ? 5 ASP A N   9  
ATOM   977  C CA  . ASP A 1 5 ? -2.189  -0.221 -1.022 1.00 52.34 ? 5 ASP A CA  9  
ATOM   978  C C   . ASP A 1 5 ? -0.728  -0.622 -0.848 1.00 3.14  ? 5 ASP A C   9  
ATOM   979  O O   . ASP A 1 5 ? 0.178   0.211  -0.873 1.00 11.34 ? 5 ASP A O   9  
ATOM   980  C CB  . ASP A 1 5 ? -2.277  1.138  -1.721 1.00 0.34  ? 5 ASP A CB  9  
ATOM   981  C CG  . ASP A 1 5 ? -3.709  1.586  -1.938 1.00 15.12 ? 5 ASP A CG  9  
ATOM   982  O OD1 . ASP A 1 5 ? -4.480  0.827  -2.562 1.00 34.05 ? 5 ASP A OD1 9  
ATOM   983  O OD2 . ASP A 1 5 ? -4.059  2.696  -1.483 1.00 25.14 ? 5 ASP A OD2 9  
ATOM   984  H H   . ASP A 1 5 ? -2.467  0.330  1.002  1.00 74.45 ? 5 ASP A H   9  
ATOM   985  H HA  . ASP A 1 5 ? -2.683  -0.961 -1.633 1.00 2.30  ? 5 ASP A HA  9  
ATOM   986  H HB2 . ASP A 1 5 ? -1.775  1.879  -1.117 1.00 74.00 ? 5 ASP A HB2 9  
ATOM   987  H HB3 . ASP A 1 5 ? -1.789  1.073  -2.682 1.00 2.21  ? 5 ASP A HB3 9  
ATOM   988  N N   . PRO A 1 6 ? -0.491  -1.931 -0.666 1.00 54.24 ? 6 PRO A N   9  
ATOM   989  C CA  . PRO A 1 6 ? 0.858   -2.473 -0.484 1.00 21.33 ? 6 PRO A CA  9  
ATOM   990  C C   . PRO A 1 6 ? 1.690   -2.400 -1.759 1.00 22.11 ? 6 PRO A C   9  
ATOM   991  O O   . PRO A 1 6 ? 2.892   -2.667 -1.744 1.00 20.34 ? 6 PRO A O   9  
ATOM   992  C CB  . PRO A 1 6 ? 0.604   -3.931 -0.093 1.00 2.42  ? 6 PRO A CB  9  
ATOM   993  C CG  . PRO A 1 6 ? -0.727  -4.254 -0.680 1.00 54.11 ? 6 PRO A CG  9  
ATOM   994  C CD  . PRO A 1 6 ? -1.523  -2.980 -0.625 1.00 71.21 ? 6 PRO A CD  9  
ATOM   995  H HA  . PRO A 1 6 ? 1.383   -1.971 0.316  1.00 10.11 ? 6 PRO A HA  9  
ATOM   996  H HB2 . PRO A 1 6 ? 1.382   -4.558 -0.507 1.00 70.00 ? 6 PRO A HB2 9  
ATOM   997  H HB3 . PRO A 1 6 ? 0.594   -4.023 0.983  1.00 40.33 ? 6 PRO A HB3 9  
ATOM   998  H HG2 . PRO A 1 6 ? -0.608  -4.579 -1.702 1.00 61.33 ? 6 PRO A HG2 9  
ATOM   999  H HG3 . PRO A 1 6 ? -1.209  -5.023 -0.093 1.00 52.22 ? 6 PRO A HG3 9  
ATOM   1000 H HD2 . PRO A 1 6 ? -2.180  -2.909 -1.479 1.00 61.13 ? 6 PRO A HD2 9  
ATOM   1001 H HD3 . PRO A 1 6 ? -2.089  -2.927 0.294  1.00 2.01  ? 6 PRO A HD3 9  
ATOM   1002 N N   . TRP A 1 7 ? 1.044   -2.038 -2.861 1.00 22.24 ? 7 TRP A N   9  
ATOM   1003 C CA  . TRP A 1 7 ? 1.725   -1.930 -4.146 1.00 44.43 ? 7 TRP A CA  9  
ATOM   1004 C C   . TRP A 1 7 ? 1.823   -0.475 -4.590 1.00 52.24 ? 7 TRP A C   9  
ATOM   1005 O O   . TRP A 1 7 ? 2.103   -0.187 -5.754 1.00 62.22 ? 7 TRP A O   9  
ATOM   1006 C CB  . TRP A 1 7 ? 0.989   -2.750 -5.207 1.00 12.22 ? 7 TRP A CB  9  
ATOM   1007 C CG  . TRP A 1 7 ? 1.903   -3.348 -6.235 1.00 62.32 ? 7 TRP A CG  9  
ATOM   1008 C CD1 . TRP A 1 7 ? 2.141   -2.874 -7.493 1.00 4.10  ? 7 TRP A CD1 9  
ATOM   1009 C CD2 . TRP A 1 7 ? 2.697   -4.530 -6.091 1.00 54.53 ? 7 TRP A CD2 9  
ATOM   1010 N NE1 . TRP A 1 7 ? 3.036   -3.691 -8.141 1.00 24.05 ? 7 TRP A NE1 9  
ATOM   1011 C CE2 . TRP A 1 7 ? 3.392   -4.713 -7.303 1.00 13.44 ? 7 TRP A CE2 9  
ATOM   1012 C CE3 . TRP A 1 7 ? 2.890   -5.451 -5.058 1.00 75.05 ? 7 TRP A CE3 9  
ATOM   1013 C CZ2 . TRP A 1 7 ? 4.264   -5.780 -7.506 1.00 12.24 ? 7 TRP A CZ2 9  
ATOM   1014 C CZ3 . TRP A 1 7 ? 3.756   -6.508 -5.260 1.00 42.45 ? 7 TRP A CZ3 9  
ATOM   1015 C CH2 . TRP A 1 7 ? 4.435   -6.666 -6.476 1.00 73.25 ? 7 TRP A CH2 9  
ATOM   1016 H H   . TRP A 1 7 ? 0.085   -1.838 -2.810 1.00 12.34 ? 7 TRP A H   9  
ATOM   1017 H HA  . TRP A 1 7 ? 2.722   -2.326 -4.026 1.00 34.31 ? 7 TRP A HA  9  
ATOM   1018 H HB2 . TRP A 1 7 ? 0.457   -3.557 -4.726 1.00 15.04 ? 7 TRP A HB2 9  
ATOM   1019 H HB3 . TRP A 1 7 ? 0.283   -2.113 -5.719 1.00 71.31 ? 7 TRP A HB3 9  
ATOM   1020 H HD1 . TRP A 1 7 ? 1.684   -1.988 -7.907 1.00 22.21 ? 7 TRP A HD1 9  
ATOM   1021 H HE1 . TRP A 1 7 ? 3.366   -3.561 -9.056 1.00 61.30 ? 7 TRP A HE1 9  
ATOM   1022 H HE3 . TRP A 1 7 ? 2.376   -5.345 -4.113 1.00 0.43  ? 7 TRP A HE3 9  
ATOM   1023 H HZ2 . TRP A 1 7 ? 4.796   -5.915 -8.436 1.00 62.13 ? 7 TRP A HZ2 9  
ATOM   1024 H HZ3 . TRP A 1 7 ? 3.918   -7.229 -4.473 1.00 71.30 ? 7 TRP A HZ3 9  
ATOM   1025 H HH2 . TRP A 1 7 ? 5.101   -7.507 -6.591 1.00 62.41 ? 7 TRP A HH2 9  
ATOM   1026 N N   . CYS A 1 8 ? 1.593   0.441  -3.655 1.00 64.30 ? 8 CYS A N   9  
ATOM   1027 C CA  . CYS A 1 8 ? 1.655   1.868  -3.949 1.00 30.43 ? 8 CYS A CA  9  
ATOM   1028 C C   . CYS A 1 8 ? 3.071   2.280  -4.342 1.00 61.41 ? 8 CYS A C   9  
ATOM   1029 O O   . CYS A 1 8 ? 4.030   1.547  -4.102 1.00 32.00 ? 8 CYS A O   9  
ATOM   1030 C CB  . CYS A 1 8 ? 1.193   2.680  -2.738 1.00 52.24 ? 8 CYS A CB  9  
ATOM   1031 S SG  . CYS A 1 8 ? 2.369   2.677  -1.347 1.00 1.02  ? 8 CYS A SG  9  
ATOM   1032 H H   . CYS A 1 8 ? 1.375   0.150  -2.744 1.00 52.23 ? 8 CYS A H   9  
ATOM   1033 H HA  . CYS A 1 8 ? 0.993   2.065  -4.778 1.00 71.15 ? 8 CYS A HA  9  
ATOM   1034 H HB2 . CYS A 1 8 ? 1.043   3.707  -3.039 1.00 15.34 ? 8 CYS A HB2 9  
ATOM   1035 H HB3 . CYS A 1 8 ? 0.258   2.277  -2.379 1.00 24.34 ? 8 CYS A HB3 9  
ATOM   1036 N N   . GLY A 1 1 ? 3.953   -1.143 2.418  1.00 42.41 ? 1 GLY A N   10 
ATOM   1037 C CA  . GLY A 1 1 ? 4.012   0.141  1.744  1.00 3.11  ? 1 GLY A CA  10 
ATOM   1038 C C   . GLY A 1 1 ? 2.984   1.121  2.273  1.00 2.01  ? 1 GLY A C   10 
ATOM   1039 O O   . GLY A 1 1 ? 3.225   1.810  3.264  1.00 72.32 ? 1 GLY A O   10 
ATOM   1040 H H1  . GLY A 1 1 ? 4.782   -1.598 2.676  1.00 51.31 ? 1 GLY A H1  10 
ATOM   1041 H HA2 . GLY A 1 1 ? 4.998   0.561  1.878  1.00 61.41 ? 1 GLY A HA2 10 
ATOM   1042 H HA3 . GLY A 1 1 ? 3.837   -0.011 0.688  1.00 11.24 ? 1 GLY A HA3 10 
ATOM   1043 N N   . CYS A 1 2 ? 1.834   1.185  1.610  1.00 14.13 ? 2 CYS A N   10 
ATOM   1044 C CA  . CYS A 1 2 ? 0.766   2.090  2.018  1.00 65.12 ? 2 CYS A CA  10 
ATOM   1045 C C   . CYS A 1 2 ? -0.451  1.309  2.506  1.00 31.13 ? 2 CYS A C   10 
ATOM   1046 O O   . CYS A 1 2 ? -0.667  0.154  2.139  1.00 71.55 ? 2 CYS A O   10 
ATOM   1047 C CB  . CYS A 1 2 ? 0.367   3.000  0.853  1.00 33.14 ? 2 CYS A CB  10 
ATOM   1048 S SG  . CYS A 1 2 ? 1.673   4.161  0.339  1.00 44.22 ? 2 CYS A SG  10 
ATOM   1049 H H   . CYS A 1 2 ? 1.700   0.610  0.827  1.00 3.12  ? 2 CYS A H   10 
ATOM   1050 H HA  . CYS A 1 2 ? 1.137   2.698  2.828  1.00 53.34 ? 2 CYS A HA  10 
ATOM   1051 H HB2 . CYS A 1 2 ? 0.117   2.388  -0.001 1.00 44.22 ? 2 CYS A HB2 10 
ATOM   1052 H HB3 . CYS A 1 2 ? -0.496  3.581  1.140  1.00 64.10 ? 2 CYS A HB3 10 
ATOM   1053 N N   . PRO A 1 3 ? -1.265  1.954  3.355  1.00 25.41 ? 3 PRO A N   10 
ATOM   1054 C CA  . PRO A 1 3 ? -2.475  1.339  3.912  1.00 53.30 ? 3 PRO A CA  10 
ATOM   1055 C C   . PRO A 1 3 ? -3.563  1.145  2.863  1.00 42.53 ? 3 PRO A C   10 
ATOM   1056 O O   . PRO A 1 3 ? -4.163  2.128  2.429  1.00 24.11 ? 3 PRO A O   10 
ATOM   1057 C CB  . PRO A 1 3 ? -2.928  2.347  4.972  1.00 33.12 ? 3 PRO A CB  10 
ATOM   1058 C CG  . PRO A 1 3 ? -2.371  3.651  4.517  1.00 50.13 ? 3 PRO A CG  10 
ATOM   1059 C CD  . PRO A 1 3 ? -1.069  3.331  3.836  1.00 71.31 ? 3 PRO A CD  10 
ATOM   1060 H HA  . PRO A 1 3 ? -2.257  0.393  4.384  1.00 25.21 ? 3 PRO A HA  10 
ATOM   1061 H HB2 . PRO A 1 3 ? -4.008  2.370  5.012  1.00 44.30 ? 3 PRO A HB2 10 
ATOM   1062 H HB3 . PRO A 1 3 ? -2.533  2.064  5.936  1.00 14.52 ? 3 PRO A HB3 10 
ATOM   1063 H HG2 . PRO A 1 3 ? -3.052  4.120  3.822  1.00 12.05 ? 3 PRO A HG2 10 
ATOM   1064 H HG3 . PRO A 1 3 ? -2.200  4.294  5.368  1.00 21.30 ? 3 PRO A HG3 10 
ATOM   1065 H HD2 . PRO A 1 3 ? -0.898  4.007  3.011  1.00 74.23 ? 3 PRO A HD2 10 
ATOM   1066 H HD3 . PRO A 1 3 ? -0.253  3.379  4.542  1.00 53.42 ? 3 PRO A HD3 10 
HETATM 1067 N N   . DTR A 1 4 ? -3.791  -0.103 2.480  1.00 52.24 ? 4 DTR A N   10 
HETATM 1068 C CA  . DTR A 1 4 ? -4.806  -0.407 1.485  1.00 53.31 ? 4 DTR A CA  10 
HETATM 1069 C CB  . DTR A 1 4 ? -5.669  -1.590 1.927  1.00 41.44 ? 4 DTR A CB  10 
HETATM 1070 C CG  . DTR A 1 4 ? -6.607  -1.275 3.095  1.00 50.51 ? 4 DTR A CG  10 
HETATM 1071 C CD1 . DTR A 1 4 ? -6.647  -0.164 3.843  1.00 15.41 ? 4 DTR A CD1 10 
HETATM 1072 N NE1 . DTR A 1 4 ? -7.630  -0.240 4.808  1.00 34.31 ? 4 DTR A NE1 10 
HETATM 1073 C CE2 . DTR A 1 4 ? -8.255  -1.474 4.669  1.00 45.25 ? 4 DTR A CE2 10 
HETATM 1074 C CZ2 . DTR A 1 4 ? -9.310  -2.024 5.406  1.00 42.13 ? 4 DTR A CZ2 10 
HETATM 1075 C CH2 . DTR A 1 4 ? -9.733  -3.303 5.027  1.00 33.34 ? 4 DTR A CH2 10 
HETATM 1076 C CZ3 . DTR A 1 4 ? -9.107  -3.952 3.968  1.00 73.44 ? 4 DTR A CZ3 10 
HETATM 1077 C CE3 . DTR A 1 4 ? -8.051  -3.415 3.222  1.00 20.02 ? 4 DTR A CE3 10 
HETATM 1078 C CD2 . DTR A 1 4 ? -7.643  -2.130 3.619  1.00 74.25 ? 4 DTR A CD2 10 
HETATM 1079 C C   . DTR A 1 4 ? -4.099  -0.648 0.149  1.00 64.01 ? 4 DTR A C   10 
HETATM 1080 O O   . DTR A 1 4 ? -4.595  -1.349 -0.734 1.00 53.22 ? 4 DTR A O   10 
HETATM 1081 H H   . DTR A 1 4 ? -3.298  -0.897 2.838  1.00 42.15 ? 4 DTR A H   10 
HETATM 1082 H HA  . DTR A 1 4 ? -5.466  0.456  1.407  1.00 54.15 ? 4 DTR A HA  10 
HETATM 1083 H HB2 . DTR A 1 4 ? -5.018  -2.416 2.210  1.00 35.43 ? 4 DTR A HB2 10 
HETATM 1084 H HB3 . DTR A 1 4 ? -6.264  -1.929 1.078  1.00 34.03 ? 4 DTR A HB3 10 
HETATM 1085 H HD1 . DTR A 1 4 ? -5.986  0.692  3.707  1.00 43.41 ? 4 DTR A HD1 10 
HETATM 1086 H HE1 . DTR A 1 4 ? -7.871  0.525  5.545  1.00 73.44 ? 4 DTR A HE1 10 
HETATM 1087 H HZ2 . DTR A 1 4 ? -9.777  -1.485 6.231  1.00 10.42 ? 4 DTR A HZ2 10 
HETATM 1088 H HH2 . DTR A 1 4 ? -10.551 -3.790 5.561  1.00 50.41 ? 4 DTR A HH2 10 
HETATM 1089 H HZ3 . DTR A 1 4 ? -9.462  -4.946 3.702  1.00 30.14 ? 4 DTR A HZ3 10 
HETATM 1090 H HE3 . DTR A 1 4 ? -7.584  -3.954 2.397  1.00 62.24 ? 4 DTR A HE3 10 
ATOM   1091 N N   . ASP A 1 5 ? -2.922  -0.047 0.019  1.00 71.14 ? 5 ASP A N   10 
ATOM   1092 C CA  . ASP A 1 5 ? -2.125  -0.179 -1.195 1.00 20.30 ? 5 ASP A CA  10 
ATOM   1093 C C   . ASP A 1 5 ? -0.727  -0.698 -0.873 1.00 41.23 ? 5 ASP A C   10 
ATOM   1094 O O   . ASP A 1 5 ? 0.236   0.062  -0.778 1.00 73.11 ? 5 ASP A O   10 
ATOM   1095 C CB  . ASP A 1 5 ? -2.031  1.165  -1.918 1.00 73.53 ? 5 ASP A CB  10 
ATOM   1096 C CG  . ASP A 1 5 ? -3.360  1.894  -1.962 1.00 4.15  ? 5 ASP A CG  10 
ATOM   1097 O OD1 . ASP A 1 5 ? -4.406  1.216  -2.038 1.00 41.21 ? 5 ASP A OD1 10 
ATOM   1098 O OD2 . ASP A 1 5 ? -3.354  3.142  -1.920 1.00 51.21 ? 5 ASP A OD2 10 
ATOM   1099 H H   . ASP A 1 5 ? -2.581  0.499  0.759  1.00 50.54 ? 5 ASP A H   10 
ATOM   1100 H HA  . ASP A 1 5 ? -2.620  -0.890 -1.839 1.00 4.41  ? 5 ASP A HA  10 
ATOM   1101 H HB2 . ASP A 1 5 ? -1.315  1.792  -1.406 1.00 4.45  ? 5 ASP A HB2 10 
ATOM   1102 H HB3 . ASP A 1 5 ? -1.698  0.998  -2.932 1.00 63.42 ? 5 ASP A HB3 10 
ATOM   1103 N N   . PRO A 1 6 ? -0.612  -2.023 -0.702 1.00 32.33 ? 6 PRO A N   10 
ATOM   1104 C CA  . PRO A 1 6 ? 0.664   -2.672 -0.388 1.00 33.42 ? 6 PRO A CA  10 
ATOM   1105 C C   . PRO A 1 6 ? 1.635   -2.642 -1.563 1.00 41.01 ? 6 PRO A C   10 
ATOM   1106 O O   . PRO A 1 6 ? 2.802   -3.010 -1.426 1.00 71.15 ? 6 PRO A O   10 
ATOM   1107 C CB  . PRO A 1 6 ? 0.260   -4.113 -0.065 1.00 25.41 ? 6 PRO A CB  10 
ATOM   1108 C CG  . PRO A 1 6 ? -1.019  -4.321 -0.802 1.00 11.01 ? 6 PRO A CG  10 
ATOM   1109 C CD  . PRO A 1 6 ? -1.718  -2.989 -0.801 1.00 64.21 ? 6 PRO A CD  10 
ATOM   1110 H HA  . PRO A 1 6 ? 1.133   -2.227 0.478  1.00 52.45 ? 6 PRO A HA  10 
ATOM   1111 H HB2 . PRO A 1 6 ? 1.028   -4.791 -0.409 1.00 72.30 ? 6 PRO A HB2 10 
ATOM   1112 H HB3 . PRO A 1 6 ? 0.123   -4.224 1.000  1.00 50.45 ? 6 PRO A HB3 10 
ATOM   1113 H HG2 . PRO A 1 6 ? -0.814  -4.636 -1.813 1.00 41.34 ? 6 PRO A HG2 10 
ATOM   1114 H HG3 . PRO A 1 6 ? -1.621  -5.059 -0.292 1.00 13.44 ? 6 PRO A HG3 10 
ATOM   1115 H HD2 . PRO A 1 6 ? -2.269  -2.852 -1.720 1.00 75.40 ? 6 PRO A HD2 10 
ATOM   1116 H HD3 . PRO A 1 6 ? -2.377  -2.909 0.051  1.00 33.14 ? 6 PRO A HD3 10 
ATOM   1117 N N   . TRP A 1 7 ? 1.146   -2.200 -2.716 1.00 63.02 ? 7 TRP A N   10 
ATOM   1118 C CA  . TRP A 1 7 ? 1.972   -2.121 -3.916 1.00 22.31 ? 7 TRP A CA  10 
ATOM   1119 C C   . TRP A 1 7 ? 2.685   -0.777 -3.998 1.00 54.31 ? 7 TRP A C   10 
ATOM   1120 O O   . TRP A 1 7 ? 3.393   -0.496 -4.965 1.00 4.42  ? 7 TRP A O   10 
ATOM   1121 C CB  . TRP A 1 7 ? 1.115   -2.336 -5.165 1.00 14.02 ? 7 TRP A CB  10 
ATOM   1122 C CG  . TRP A 1 7 ? 1.351   -3.659 -5.827 1.00 32.41 ? 7 TRP A CG  10 
ATOM   1123 C CD1 . TRP A 1 7 ? 0.512   -4.738 -5.825 1.00 54.32 ? 7 TRP A CD1 10 
ATOM   1124 C CD2 . TRP A 1 7 ? 2.503   -4.045 -6.585 1.00 63.21 ? 7 TRP A CD2 10 
ATOM   1125 N NE1 . TRP A 1 7 ? 1.074   -5.770 -6.538 1.00 22.21 ? 7 TRP A NE1 10 
ATOM   1126 C CE2 . TRP A 1 7 ? 2.293   -5.370 -7.015 1.00 35.43 ? 7 TRP A CE2 10 
ATOM   1127 C CE3 . TRP A 1 7 ? 3.688   -3.399 -6.946 1.00 24.42 ? 7 TRP A CE3 10 
ATOM   1128 C CZ2 . TRP A 1 7 ? 3.228   -6.059 -7.784 1.00 31.44 ? 7 TRP A CZ2 10 
ATOM   1129 C CZ3 . TRP A 1 7 ? 4.614   -4.084 -7.709 1.00 4.24  ? 7 TRP A CZ3 10 
ATOM   1130 C CH2 . TRP A 1 7 ? 4.379   -5.403 -8.122 1.00 12.53 ? 7 TRP A CH2 10 
ATOM   1131 H H   . TRP A 1 7 ? 0.207   -1.921 -2.763 1.00 14.45 ? 7 TRP A H   10 
ATOM   1132 H HA  . TRP A 1 7 ? 2.712   -2.906 -3.859 1.00 53.44 ? 7 TRP A HA  10 
ATOM   1133 H HB2 . TRP A 1 7 ? 0.071   -2.281 -4.892 1.00 54.21 ? 7 TRP A HB2 10 
ATOM   1134 H HB3 . TRP A 1 7 ? 1.337   -1.559 -5.882 1.00 2.24  ? 7 TRP A HB3 10 
ATOM   1135 H HD1 . TRP A 1 7 ? -0.447  -4.761 -5.331 1.00 1.13  ? 7 TRP A HD1 10 
ATOM   1136 H HE1 . TRP A 1 7 ? 0.664   -6.650 -6.682 1.00 14.24 ? 7 TRP A HE1 10 
ATOM   1137 H HE3 . TRP A 1 7 ? 3.887   -2.383 -6.637 1.00 4.03  ? 7 TRP A HE3 10 
ATOM   1138 H HZ2 . TRP A 1 7 ? 3.061   -7.075 -8.111 1.00 33.34 ? 7 TRP A HZ2 10 
ATOM   1139 H HZ3 . TRP A 1 7 ? 5.536   -3.602 -7.997 1.00 35.03 ? 7 TRP A HZ3 10 
ATOM   1140 H HH2 . TRP A 1 7 ? 5.131   -5.899 -8.717 1.00 61.41 ? 7 TRP A HH2 10 
ATOM   1141 N N   . CYS A 1 8 ? 2.495   0.053  -2.978 1.00 70.14 ? 8 CYS A N   10 
ATOM   1142 C CA  . CYS A 1 8 ? 3.120   1.370  -2.935 1.00 3.15  ? 8 CYS A CA  10 
ATOM   1143 C C   . CYS A 1 8 ? 4.621   1.267  -3.191 1.00 20.01 ? 8 CYS A C   10 
ATOM   1144 O O   . CYS A 1 8 ? 5.268   2.253  -3.548 1.00 24.41 ? 8 CYS A O   10 
ATOM   1145 C CB  . CYS A 1 8 ? 2.866   2.033  -1.580 1.00 34.34 ? 8 CYS A CB  10 
ATOM   1146 S SG  . CYS A 1 8 ? 1.983   3.622  -1.684 1.00 63.34 ? 8 CYS A SG  10 
ATOM   1147 H H   . CYS A 1 8 ? 1.919   -0.227 -2.235 1.00 61.44 ? 8 CYS A H   10 
ATOM   1148 H HA  . CYS A 1 8 ? 2.675   1.973  -3.710 1.00 64.03 ? 8 CYS A HA  10 
ATOM   1149 H HB2 . CYS A 1 8 ? 2.275   1.369  -0.967 1.00 63.13 ? 8 CYS A HB2 10 
ATOM   1150 H HB3 . CYS A 1 8 ? 3.813   2.214  -1.094 1.00 74.34 ? 8 CYS A HB3 10 
# 
